data_8I4I
#
_entry.id   8I4I
#
_cell.length_a   61.664
_cell.length_b   80.048
_cell.length_c   77.435
_cell.angle_alpha   90.00
_cell.angle_beta   106.20
_cell.angle_gamma   90.00
#
_symmetry.space_group_name_H-M   'P 1 21 1'
#
loop_
_entity.id
_entity.type
_entity.pdbx_description
1 polymer 'Tryptophan--tRNA ligase'
2 non-polymer TRYPTOPHAN
3 non-polymer 'SULFATE ION'
4 non-polymer "TRYPTOPHANYL-5'AMP"
5 water water
#
_entity_poly.entity_id   1
_entity_poly.type   'polypeptide(L)'
_entity_poly.pdbx_seq_one_letter_code
;MTKPIVFSGAQPSGELTIGNYMGALRQWVNMQDDYHCIYCIVDQHAITVRQDAQKLRKATLDTLALYLACGIDPEKSTIF
VQSHVPEHAQLGWALNCYTYFGELSRMTQFKDKSARYAENINAGLFDYPVLMAADILLYQTNLVPVGEDQKQHLELSRDI
AQRFNALYGEIFKVPEPFIPKSGARVMSLLEPTKKMSKSDDNRNNVIGLLEDPKSVVKKIKRAVTDSDEPPVVRYDVQNK
AGVSNLLDILSAVTGQSIPELEKQFEGKMYGHLKGEVADAVSGMLTELQERYHRFRNDEAFLQQVMKDGAEKASAHASRT
LKAVYEAIGFVAKRHHHHHH
;
_entity_poly.pdbx_strand_id   A,B
#
# COMPACT_ATOMS: atom_id res chain seq x y z
N LYS A 3 5.49 -10.14 28.46
CA LYS A 3 4.97 -8.74 28.56
C LYS A 3 3.95 -8.47 27.44
N PRO A 4 2.96 -7.57 27.68
CA PRO A 4 2.12 -7.13 26.57
C PRO A 4 2.87 -6.24 25.59
N ILE A 5 2.55 -6.35 24.31
CA ILE A 5 3.20 -5.59 23.26
C ILE A 5 2.47 -4.27 23.04
N VAL A 6 3.21 -3.17 23.09
CA VAL A 6 2.68 -1.83 22.87
C VAL A 6 3.27 -1.27 21.58
N PHE A 7 2.43 -0.71 20.72
CA PHE A 7 2.86 -0.10 19.47
C PHE A 7 2.48 1.38 19.43
N SER A 8 3.45 2.22 19.09
CA SER A 8 3.25 3.65 18.89
C SER A 8 3.89 4.08 17.57
N GLY A 9 3.20 4.95 16.84
CA GLY A 9 3.69 5.49 15.57
C GLY A 9 4.04 6.96 15.78
N ALA A 10 5.30 7.30 15.51
CA ALA A 10 5.82 8.66 15.72
C ALA A 10 6.01 9.35 14.37
N GLN A 11 5.32 10.48 14.17
CA GLN A 11 5.42 11.23 12.92
C GLN A 11 6.81 11.89 12.81
N PRO A 12 7.50 11.73 11.67
CA PRO A 12 8.80 12.40 11.47
C PRO A 12 8.70 13.93 11.50
N SER A 13 7.70 14.48 10.81
CA SER A 13 7.49 15.93 10.72
C SER A 13 7.11 16.61 12.04
N GLY A 14 6.68 15.84 13.04
CA GLY A 14 6.33 16.37 14.36
C GLY A 14 7.45 17.15 15.05
N GLU A 15 7.07 18.23 15.72
CA GLU A 15 7.98 19.05 16.52
C GLU A 15 7.42 19.07 17.95
N LEU A 16 7.96 18.19 18.80
CA LEU A 16 7.37 17.89 20.11
C LEU A 16 7.37 19.08 21.06
N THR A 17 6.33 19.16 21.88
CA THR A 17 6.16 20.20 22.90
C THR A 17 6.38 19.62 24.29
N ILE A 18 6.42 20.49 25.30
CA ILE A 18 6.45 20.05 26.71
C ILE A 18 5.19 19.27 27.10
N GLY A 19 4.07 19.55 26.43
CA GLY A 19 2.86 18.75 26.57
C GLY A 19 3.03 17.29 26.16
N ASN A 20 3.66 17.07 25.00
CA ASN A 20 3.96 15.72 24.51
C ASN A 20 4.91 14.98 25.44
N TYR A 21 5.93 15.68 25.94
CA TYR A 21 6.96 15.06 26.79
C TYR A 21 6.44 14.73 28.19
N MET A 22 6.04 15.76 28.93
CA MET A 22 5.65 15.61 30.34
C MET A 22 4.38 14.77 30.55
N GLY A 23 3.51 14.74 29.54
CA GLY A 23 2.36 13.84 29.54
C GLY A 23 2.72 12.43 29.13
N ALA A 24 2.58 12.15 27.84
CA ALA A 24 2.63 10.78 27.33
C ALA A 24 4.03 10.16 27.26
N LEU A 25 5.01 10.91 26.74
CA LEU A 25 6.34 10.32 26.51
C LEU A 25 7.09 9.97 27.80
N ARG A 26 7.10 10.89 28.76
CA ARG A 26 7.75 10.66 30.06
C ARG A 26 7.10 9.50 30.82
N GLN A 27 5.77 9.44 30.75
CA GLN A 27 4.98 8.29 31.23
C GLN A 27 5.51 6.97 30.64
N TRP A 28 5.64 6.92 29.33
CA TRP A 28 6.05 5.70 28.62
C TRP A 28 7.53 5.35 28.76
N VAL A 29 8.39 6.35 28.93
CA VAL A 29 9.82 6.12 29.22
C VAL A 29 10.01 5.29 30.51
N ASN A 30 9.15 5.53 31.50
CA ASN A 30 9.19 4.81 32.78
C ASN A 30 8.48 3.43 32.79
N MET A 31 7.87 3.03 31.67
CA MET A 31 7.19 1.74 31.55
C MET A 31 7.82 0.81 30.48
N GLN A 32 9.11 0.99 30.20
CA GLN A 32 9.80 0.20 29.17
C GLN A 32 10.15 -1.22 29.61
N ASP A 33 10.27 -1.44 30.92
CA ASP A 33 10.46 -2.80 31.48
C ASP A 33 9.14 -3.52 31.77
N ASP A 34 8.04 -2.77 31.85
CA ASP A 34 6.70 -3.35 32.07
C ASP A 34 6.13 -3.96 30.81
N TYR A 35 6.34 -3.28 29.67
CA TYR A 35 5.83 -3.71 28.37
C TYR A 35 6.97 -3.89 27.37
N HIS A 36 6.70 -4.69 26.33
CA HIS A 36 7.55 -4.74 25.14
C HIS A 36 7.08 -3.61 24.23
N CYS A 37 7.73 -2.45 24.35
CA CYS A 37 7.31 -1.24 23.64
C CYS A 37 7.96 -1.17 22.27
N ILE A 38 7.15 -0.83 21.26
CA ILE A 38 7.60 -0.65 19.88
C ILE A 38 7.32 0.80 19.47
N TYR A 39 8.35 1.46 18.95
CA TYR A 39 8.25 2.83 18.43
C TYR A 39 8.64 2.86 16.96
N CYS A 40 7.68 3.20 16.10
CA CYS A 40 7.85 3.19 14.66
C CYS A 40 7.81 4.62 14.14
N ILE A 41 8.92 5.09 13.59
CA ILE A 41 8.96 6.43 12.99
C ILE A 41 8.33 6.30 11.60
N VAL A 42 7.16 6.90 11.43
CA VAL A 42 6.28 6.58 10.29
C VAL A 42 6.48 7.49 9.08
N ASP A 43 7.62 7.29 8.42
CA ASP A 43 7.97 8.05 7.22
C ASP A 43 7.09 7.75 5.99
N GLN A 44 6.55 6.52 5.91
CA GLN A 44 5.59 6.18 4.85
C GLN A 44 4.22 6.85 5.04
N HIS A 45 3.81 7.07 6.28
CA HIS A 45 2.61 7.89 6.57
C HIS A 45 2.86 9.37 6.29
N ALA A 46 4.07 9.86 6.57
CA ALA A 46 4.44 11.26 6.38
C ALA A 46 4.28 11.77 4.94
N ILE A 47 4.68 10.95 3.98
CA ILE A 47 4.60 11.30 2.55
C ILE A 47 3.20 11.42 1.94
N THR A 48 2.16 11.07 2.71
CA THR A 48 0.77 11.38 2.35
C THR A 48 0.52 12.90 2.25
N VAL A 49 1.34 13.68 2.96
CA VAL A 49 1.44 15.13 2.77
C VAL A 49 2.74 15.40 2.01
N ARG A 50 2.62 16.13 0.90
CA ARG A 50 3.76 16.48 0.07
C ARG A 50 4.70 17.43 0.82
N GLN A 51 6.00 17.18 0.72
CA GLN A 51 6.99 17.95 1.45
C GLN A 51 8.39 17.79 0.87
N ASP A 52 9.29 18.68 1.28
CA ASP A 52 10.67 18.68 0.83
C ASP A 52 11.36 17.39 1.29
N ALA A 53 12.01 16.71 0.36
CA ALA A 53 12.66 15.41 0.61
C ALA A 53 13.78 15.50 1.64
N GLN A 54 14.64 16.49 1.49
CA GLN A 54 15.77 16.69 2.40
C GLN A 54 15.33 17.02 3.83
N LYS A 55 14.23 17.75 3.97
CA LYS A 55 13.64 18.03 5.27
C LYS A 55 13.02 16.79 5.93
N LEU A 56 12.43 15.90 5.13
CA LEU A 56 11.89 14.64 5.64
C LEU A 56 12.98 13.70 6.18
N ARG A 57 14.11 13.62 5.46
CA ARG A 57 15.26 12.82 5.91
C ARG A 57 15.82 13.38 7.22
N LYS A 58 15.99 14.69 7.27
CA LYS A 58 16.42 15.39 8.49
C LYS A 58 15.45 15.15 9.65
N ALA A 59 14.16 15.34 9.38
CA ALA A 59 13.09 15.19 10.38
C ALA A 59 13.00 13.79 10.98
N THR A 60 13.26 12.77 10.17
CA THR A 60 13.31 11.37 10.64
C THR A 60 14.40 11.17 11.69
N LEU A 61 15.58 11.74 11.44
CA LEU A 61 16.72 11.64 12.35
C LEU A 61 16.57 12.55 13.58
N ASP A 62 15.96 13.73 13.39
CA ASP A 62 15.59 14.62 14.50
C ASP A 62 14.66 13.90 15.49
N THR A 63 13.62 13.27 14.94
CA THR A 63 12.64 12.51 15.74
C THR A 63 13.29 11.35 16.47
N LEU A 64 14.20 10.63 15.80
CA LEU A 64 14.92 9.51 16.41
C LEU A 64 15.75 9.95 17.61
N ALA A 65 16.58 10.96 17.42
CA ALA A 65 17.44 11.50 18.48
C ALA A 65 16.64 12.05 19.66
N LEU A 66 15.52 12.71 19.36
CA LEU A 66 14.67 13.31 20.39
C LEU A 66 13.98 12.26 21.26
N TYR A 67 13.45 11.21 20.63
CA TYR A 67 12.89 10.07 21.36
C TYR A 67 13.94 9.36 22.23
N LEU A 68 15.15 9.22 21.71
CA LEU A 68 16.29 8.69 22.48
C LEU A 68 16.67 9.63 23.64
N ALA A 69 16.68 10.94 23.35
CA ALA A 69 16.97 11.96 24.37
C ALA A 69 15.93 12.00 25.49
N CYS A 70 14.66 11.80 25.13
CA CYS A 70 13.57 11.74 26.12
C CYS A 70 13.67 10.53 27.05
N GLY A 71 14.38 9.48 26.60
CA GLY A 71 14.67 8.31 27.43
C GLY A 71 14.29 6.95 26.86
N ILE A 72 13.87 6.90 25.59
CA ILE A 72 13.58 5.62 24.93
C ILE A 72 14.91 4.89 24.75
N ASP A 73 14.98 3.70 25.33
CA ASP A 73 16.17 2.89 25.40
C ASP A 73 16.09 1.83 24.29
N PRO A 74 17.00 1.90 23.30
CA PRO A 74 16.96 0.92 22.21
C PRO A 74 17.32 -0.52 22.59
N GLU A 75 17.92 -0.72 23.77
CA GLU A 75 18.19 -2.06 24.31
C GLU A 75 16.93 -2.70 24.92
N LYS A 76 16.06 -1.88 25.51
CA LYS A 76 14.80 -2.33 26.12
C LYS A 76 13.63 -2.27 25.13
N SER A 77 13.43 -1.11 24.53
CA SER A 77 12.38 -0.91 23.54
C SER A 77 12.91 -1.12 22.12
N THR A 78 12.00 -1.45 21.20
CA THR A 78 12.32 -1.52 19.78
C THR A 78 11.97 -0.18 19.15
N ILE A 79 12.98 0.52 18.62
CA ILE A 79 12.75 1.78 17.88
C ILE A 79 13.34 1.65 16.47
N PHE A 80 12.53 1.96 15.46
CA PHE A 80 12.92 1.77 14.06
C PHE A 80 12.16 2.68 13.11
N VAL A 81 12.64 2.75 11.88
CA VAL A 81 12.04 3.56 10.81
C VAL A 81 11.12 2.65 9.99
N GLN A 82 9.90 3.12 9.75
CA GLN A 82 8.84 2.34 9.09
C GLN A 82 9.26 1.77 7.72
N SER A 83 9.84 2.63 6.88
CA SER A 83 10.26 2.25 5.52
C SER A 83 11.35 1.16 5.47
N HIS A 84 12.09 0.99 6.56
CA HIS A 84 13.15 -0.03 6.65
C HIS A 84 12.62 -1.46 6.84
N VAL A 85 11.34 -1.61 7.14
CA VAL A 85 10.70 -2.92 7.31
C VAL A 85 9.64 -3.07 6.22
N PRO A 86 9.96 -3.79 5.12
CA PRO A 86 9.03 -3.97 3.98
C PRO A 86 7.65 -4.55 4.34
N GLU A 87 7.59 -5.35 5.40
CA GLU A 87 6.38 -6.03 5.82
C GLU A 87 5.18 -5.13 6.08
N HIS A 88 5.43 -3.86 6.46
CA HIS A 88 4.36 -2.88 6.67
C HIS A 88 3.57 -2.62 5.40
N ALA A 89 4.28 -2.32 4.33
CA ALA A 89 3.68 -2.10 3.00
C ALA A 89 3.00 -3.36 2.48
N GLN A 90 3.67 -4.50 2.66
CA GLN A 90 3.15 -5.80 2.24
C GLN A 90 1.82 -6.15 2.90
N LEU A 91 1.77 -6.07 4.23
CA LEU A 91 0.53 -6.31 4.97
C LEU A 91 -0.50 -5.22 4.67
N GLY A 92 -0.05 -3.99 4.50
CA GLY A 92 -0.89 -2.87 4.07
C GLY A 92 -1.71 -3.19 2.84
N TRP A 93 -1.08 -3.77 1.82
CA TRP A 93 -1.80 -4.19 0.62
C TRP A 93 -2.76 -5.35 0.88
N ALA A 94 -2.29 -6.35 1.61
CA ALA A 94 -3.13 -7.50 1.95
C ALA A 94 -4.42 -7.05 2.65
N LEU A 95 -4.27 -6.20 3.66
CA LEU A 95 -5.43 -5.71 4.43
C LEU A 95 -6.37 -4.78 3.64
N ASN A 96 -5.86 -4.10 2.61
CA ASN A 96 -6.73 -3.36 1.67
C ASN A 96 -7.84 -4.23 1.10
N CYS A 97 -7.50 -5.47 0.76
CA CYS A 97 -8.44 -6.44 0.19
C CYS A 97 -9.48 -6.99 1.19
N TYR A 98 -9.28 -6.73 2.49
CA TYR A 98 -10.25 -7.07 3.54
C TYR A 98 -10.78 -5.82 4.27
N THR A 99 -10.70 -4.67 3.61
CA THR A 99 -11.21 -3.40 4.13
C THR A 99 -12.20 -2.86 3.11
N TYR A 100 -13.40 -2.52 3.56
CA TYR A 100 -14.42 -1.92 2.70
C TYR A 100 -14.02 -0.50 2.29
N PHE A 101 -14.25 -0.17 1.02
CA PHE A 101 -14.11 1.20 0.53
C PHE A 101 -14.95 2.16 1.37
N GLY A 102 -16.17 1.74 1.69
CA GLY A 102 -17.08 2.48 2.57
C GLY A 102 -16.48 2.91 3.90
N GLU A 103 -15.74 2.01 4.54
CA GLU A 103 -15.07 2.32 5.82
C GLU A 103 -14.07 3.47 5.70
N LEU A 104 -13.28 3.48 4.61
CA LEU A 104 -12.32 4.56 4.37
C LEU A 104 -12.97 5.89 3.97
N SER A 105 -14.07 5.82 3.21
CA SER A 105 -14.83 7.04 2.85
C SER A 105 -15.51 7.68 4.06
N ARG A 106 -15.92 6.85 5.02
CA ARG A 106 -16.57 7.32 6.25
C ARG A 106 -15.58 7.78 7.33
N MET A 107 -14.27 7.59 7.10
CA MET A 107 -13.28 8.10 8.04
C MET A 107 -13.46 9.61 8.15
N THR A 108 -13.57 10.10 9.37
CA THR A 108 -13.77 11.51 9.65
C THR A 108 -12.61 12.33 9.08
N ALA A 118 -11.83 16.87 -2.86
CA ALA A 118 -12.54 15.59 -2.91
C ALA A 118 -11.88 14.60 -3.88
N GLU A 119 -11.82 14.97 -5.16
CA GLU A 119 -11.14 14.19 -6.18
C GLU A 119 -9.64 14.53 -6.24
N ASN A 120 -9.28 15.69 -5.67
CA ASN A 120 -7.88 16.16 -5.61
C ASN A 120 -7.06 15.68 -4.40
N ILE A 121 -7.67 14.88 -3.54
CA ILE A 121 -6.99 14.24 -2.40
C ILE A 121 -6.15 13.08 -2.94
N ASN A 122 -4.92 12.89 -2.45
CA ASN A 122 -4.09 11.77 -2.92
C ASN A 122 -4.55 10.46 -2.28
N ALA A 123 -4.32 9.35 -2.97
CA ALA A 123 -4.78 8.02 -2.53
C ALA A 123 -4.13 7.55 -1.23
N GLY A 124 -2.94 8.06 -0.93
CA GLY A 124 -2.25 7.77 0.33
C GLY A 124 -3.00 8.34 1.52
N LEU A 125 -3.54 9.55 1.36
CA LEU A 125 -4.35 10.19 2.40
C LEU A 125 -5.67 9.46 2.61
N PHE A 126 -6.23 8.92 1.52
CA PHE A 126 -7.42 8.08 1.61
C PHE A 126 -7.15 6.72 2.25
N ASP A 127 -6.00 6.12 1.93
CA ASP A 127 -5.71 4.72 2.29
C ASP A 127 -4.86 4.50 3.55
N TYR A 128 -4.35 5.56 4.19
CA TYR A 128 -3.43 5.37 5.33
C TYR A 128 -3.99 4.67 6.58
N PRO A 129 -5.32 4.72 6.82
CA PRO A 129 -5.86 3.93 7.94
C PRO A 129 -5.62 2.42 7.82
N VAL A 130 -5.52 1.90 6.60
CA VAL A 130 -5.21 0.48 6.37
C VAL A 130 -3.73 0.20 6.64
N LEU A 131 -2.84 1.10 6.22
CA LEU A 131 -1.41 0.99 6.53
C LEU A 131 -1.18 1.06 8.04
N MET A 132 -1.89 1.98 8.71
CA MET A 132 -1.89 2.07 10.18
C MET A 132 -2.35 0.77 10.84
N ALA A 133 -3.41 0.17 10.31
CA ALA A 133 -3.88 -1.14 10.77
C ALA A 133 -2.79 -2.22 10.62
N ALA A 134 -2.11 -2.20 9.47
CA ALA A 134 -0.98 -3.10 9.23
C ALA A 134 0.19 -2.86 10.20
N ASP A 135 0.50 -1.58 10.45
CA ASP A 135 1.57 -1.21 11.42
C ASP A 135 1.34 -1.86 12.77
N ILE A 136 0.10 -1.82 13.24
CA ILE A 136 -0.29 -2.36 14.55
C ILE A 136 -0.32 -3.89 14.53
N LEU A 137 -1.03 -4.46 13.57
CA LEU A 137 -1.30 -5.89 13.54
C LEU A 137 -0.09 -6.76 13.19
N LEU A 138 0.90 -6.18 12.50
CA LEU A 138 2.17 -6.88 12.21
C LEU A 138 2.87 -7.46 13.45
N TYR A 139 2.80 -6.74 14.57
CA TYR A 139 3.60 -7.07 15.76
C TYR A 139 2.81 -7.74 16.89
N GLN A 140 1.65 -8.32 16.58
CA GLN A 140 0.78 -8.96 17.58
C GLN A 140 0.51 -8.00 18.75
N THR A 141 0.20 -6.76 18.40
CA THR A 141 0.09 -5.67 19.37
C THR A 141 -1.12 -5.87 20.28
N ASN A 142 -0.89 -5.73 21.58
CA ASN A 142 -1.93 -5.83 22.60
C ASN A 142 -2.55 -4.46 22.89
N LEU A 143 -1.71 -3.44 23.03
CA LEU A 143 -2.12 -2.09 23.45
C LEU A 143 -1.60 -1.00 22.50
N VAL A 144 -2.43 0.01 22.25
CA VAL A 144 -2.06 1.16 21.41
C VAL A 144 -2.49 2.45 22.11
N PRO A 145 -1.52 3.26 22.59
CA PRO A 145 -1.90 4.55 23.18
C PRO A 145 -2.20 5.56 22.08
N VAL A 146 -3.47 5.96 21.98
CA VAL A 146 -3.94 6.89 20.95
C VAL A 146 -4.58 8.13 21.58
N GLY A 147 -4.50 9.24 20.85
CA GLY A 147 -5.29 10.43 21.13
C GLY A 147 -6.67 10.28 20.53
N GLU A 148 -7.57 11.20 20.89
CA GLU A 148 -8.98 11.18 20.42
C GLU A 148 -9.13 11.13 18.90
N ASP A 149 -8.29 11.90 18.20
CA ASP A 149 -8.34 11.97 16.73
C ASP A 149 -7.88 10.69 16.00
N GLN A 150 -7.14 9.83 16.69
CA GLN A 150 -6.71 8.53 16.15
C GLN A 150 -7.57 7.32 16.60
N LYS A 151 -8.63 7.58 17.37
CA LYS A 151 -9.49 6.50 17.92
C LYS A 151 -10.28 5.74 16.85
N GLN A 152 -10.79 6.47 15.85
CA GLN A 152 -11.51 5.87 14.72
C GLN A 152 -10.62 4.87 13.95
N HIS A 153 -9.33 5.23 13.80
CA HIS A 153 -8.35 4.38 13.11
C HIS A 153 -8.05 3.08 13.85
N LEU A 154 -7.94 3.17 15.18
CA LEU A 154 -7.75 1.98 16.03
C LEU A 154 -8.94 1.03 15.91
N GLU A 155 -10.16 1.58 15.95
CA GLU A 155 -11.38 0.78 15.79
C GLU A 155 -11.41 0.02 14.46
N LEU A 156 -11.00 0.68 13.38
CA LEU A 156 -10.89 0.03 12.06
C LEU A 156 -9.89 -1.13 12.08
N SER A 157 -8.76 -0.94 12.76
CA SER A 157 -7.74 -2.00 12.89
C SER A 157 -8.27 -3.19 13.71
N ARG A 158 -9.08 -2.91 14.73
CA ARG A 158 -9.77 -3.96 15.49
C ARG A 158 -10.80 -4.69 14.63
N ASP A 159 -11.55 -3.93 13.82
CA ASP A 159 -12.55 -4.51 12.89
C ASP A 159 -11.92 -5.37 11.80
N ILE A 160 -10.81 -4.89 11.22
CA ILE A 160 -10.05 -5.66 10.22
C ILE A 160 -9.51 -6.97 10.81
N ALA A 161 -8.94 -6.88 12.01
CA ALA A 161 -8.37 -8.02 12.71
C ALA A 161 -9.40 -9.11 13.00
N GLN A 162 -10.56 -8.71 13.52
CA GLN A 162 -11.67 -9.63 13.82
C GLN A 162 -12.23 -10.27 12.55
N ARG A 163 -12.37 -9.45 11.49
CA ARG A 163 -12.85 -9.91 10.19
C ARG A 163 -11.90 -10.93 9.57
N PHE A 164 -10.60 -10.64 9.59
CA PHE A 164 -9.59 -11.57 9.05
C PHE A 164 -9.50 -12.83 9.89
N ASN A 165 -9.54 -12.68 11.22
CA ASN A 165 -9.52 -13.83 12.14
C ASN A 165 -10.72 -14.76 11.97
N ALA A 166 -11.91 -14.19 11.75
CA ALA A 166 -13.13 -14.97 11.54
C ALA A 166 -13.08 -15.84 10.28
N LEU A 167 -12.40 -15.36 9.24
CA LEU A 167 -12.22 -16.12 8.00
C LEU A 167 -11.16 -17.23 8.12
N TYR A 168 -10.02 -16.91 8.73
CA TYR A 168 -8.81 -17.75 8.66
C TYR A 168 -8.30 -18.33 9.99
N GLY A 169 -8.96 -18.01 11.10
CA GLY A 169 -8.48 -18.39 12.44
C GLY A 169 -7.67 -17.27 13.06
N GLU A 170 -7.18 -17.50 14.29
CA GLU A 170 -6.58 -16.43 15.10
C GLU A 170 -5.16 -16.08 14.67
N ILE A 171 -5.08 -15.37 13.54
CA ILE A 171 -3.81 -14.92 12.95
C ILE A 171 -3.32 -13.65 13.69
N PHE A 172 -4.24 -12.70 13.88
CA PHE A 172 -3.94 -11.43 14.56
C PHE A 172 -4.42 -11.40 16.01
N LYS A 173 -3.70 -10.65 16.84
CA LYS A 173 -4.22 -10.20 18.13
C LYS A 173 -5.12 -9.00 17.88
N VAL A 174 -6.27 -8.96 18.57
CA VAL A 174 -7.16 -7.80 18.51
C VAL A 174 -6.59 -6.77 19.48
N PRO A 175 -6.13 -5.61 18.97
CA PRO A 175 -5.51 -4.62 19.85
C PRO A 175 -6.52 -3.82 20.67
N GLU A 176 -6.07 -3.28 21.80
CA GLU A 176 -6.89 -2.43 22.67
C GLU A 176 -6.27 -1.04 22.77
N PRO A 177 -7.09 -0.03 23.09
CA PRO A 177 -6.52 1.28 23.41
C PRO A 177 -5.86 1.25 24.79
N PHE A 178 -4.78 2.00 24.96
CA PHE A 178 -4.17 2.18 26.27
C PHE A 178 -4.94 3.30 26.96
N ILE A 179 -5.73 2.91 27.95
CA ILE A 179 -6.75 3.80 28.51
C ILE A 179 -6.21 4.83 29.51
N PRO A 180 -5.41 4.40 30.50
CA PRO A 180 -5.01 5.39 31.51
C PRO A 180 -4.17 6.55 30.95
N LYS A 181 -4.66 7.76 31.16
CA LYS A 181 -4.01 8.98 30.66
C LYS A 181 -2.86 9.41 31.56
N SER A 182 -1.86 10.01 30.91
CA SER A 182 -0.60 10.47 31.52
C SER A 182 -0.68 10.96 32.96
N GLY A 183 -1.25 12.14 33.15
CA GLY A 183 -1.31 12.78 34.47
C GLY A 183 -1.10 14.27 34.33
N ALA A 184 -0.05 14.64 33.60
CA ALA A 184 0.29 16.02 33.33
C ALA A 184 -0.73 16.67 32.39
N ARG A 185 -1.21 17.85 32.78
CA ARG A 185 -2.13 18.65 31.98
C ARG A 185 -1.36 19.88 31.51
N VAL A 186 -1.18 20.01 30.19
CA VAL A 186 -0.46 21.14 29.60
C VAL A 186 -1.36 21.78 28.56
N MET A 187 -1.82 23.00 28.86
CA MET A 187 -2.73 23.75 27.99
C MET A 187 -1.97 24.82 27.23
N SER A 188 -2.61 25.32 26.17
CA SER A 188 -2.04 26.36 25.32
C SER A 188 -1.88 27.67 26.09
N LEU A 189 -0.77 28.37 25.85
CA LEU A 189 -0.38 29.54 26.65
C LEU A 189 -1.31 30.75 26.48
N LEU A 190 -1.76 30.99 25.24
CA LEU A 190 -2.70 32.10 24.96
C LEU A 190 -4.17 31.68 24.92
N GLU A 191 -4.43 30.37 24.98
CA GLU A 191 -5.77 29.80 25.00
C GLU A 191 -5.80 28.63 26.00
N PRO A 192 -5.75 28.94 27.32
CA PRO A 192 -5.65 27.87 28.35
C PRO A 192 -6.82 26.89 28.43
N THR A 193 -7.91 27.15 27.71
CA THR A 193 -8.99 26.19 27.54
C THR A 193 -8.60 25.06 26.57
N LYS A 194 -7.86 25.39 25.51
CA LYS A 194 -7.38 24.41 24.53
C LYS A 194 -6.06 23.76 24.97
N LYS A 195 -5.93 22.45 24.74
CA LYS A 195 -4.73 21.71 25.11
C LYS A 195 -3.54 22.12 24.24
N MET A 196 -2.34 22.10 24.83
CA MET A 196 -1.12 22.41 24.09
C MET A 196 -0.86 21.25 23.13
N SER A 197 -0.78 21.58 21.83
CA SER A 197 -0.61 20.59 20.78
C SER A 197 0.46 21.06 19.80
N LYS A 198 1.30 20.13 19.39
CA LYS A 198 2.39 20.40 18.42
C LYS A 198 1.88 20.90 17.07
N SER A 199 0.67 20.47 16.70
CA SER A 199 0.01 20.87 15.46
C SER A 199 -0.48 22.32 15.39
N ASP A 200 -0.45 23.05 16.52
CA ASP A 200 -0.88 24.46 16.58
C ASP A 200 -0.14 25.32 15.55
N ASP A 201 -0.85 26.29 14.96
CA ASP A 201 -0.25 27.23 14.01
C ASP A 201 0.32 28.42 14.75
N ASN A 202 -0.39 28.85 15.80
CA ASN A 202 0.13 29.88 16.68
C ASN A 202 1.19 29.19 17.53
N ARG A 203 2.46 29.44 17.20
CA ARG A 203 3.57 28.84 17.94
C ARG A 203 3.70 29.41 19.33
N ASN A 204 3.16 30.60 19.55
CA ASN A 204 3.17 31.21 20.89
C ASN A 204 2.27 30.47 21.90
N ASN A 205 1.38 29.60 21.42
CA ASN A 205 0.65 28.68 22.30
C ASN A 205 1.49 27.53 22.88
N VAL A 206 2.60 27.17 22.23
CA VAL A 206 3.40 26.00 22.64
C VAL A 206 4.82 26.38 23.06
N ILE A 207 5.44 25.49 23.83
CA ILE A 207 6.88 25.52 24.10
C ILE A 207 7.47 24.22 23.58
N GLY A 208 8.23 24.31 22.49
CA GLY A 208 8.93 23.16 21.92
C GLY A 208 10.06 22.66 22.80
N LEU A 209 10.42 21.39 22.62
CA LEU A 209 11.47 20.75 23.43
C LEU A 209 12.89 21.26 23.18
N LEU A 210 13.12 21.89 22.02
CA LEU A 210 14.43 22.45 21.65
C LEU A 210 14.52 23.97 21.79
N GLU A 211 13.54 24.59 22.46
CA GLU A 211 13.56 26.05 22.67
C GLU A 211 14.60 26.43 23.72
N ASP A 212 15.33 27.52 23.45
CA ASP A 212 16.35 28.04 24.38
C ASP A 212 15.70 28.83 25.53
N PRO A 213 16.44 29.04 26.65
CA PRO A 213 15.87 29.76 27.80
C PRO A 213 15.27 31.14 27.54
N LYS A 214 15.85 31.89 26.59
CA LYS A 214 15.33 33.21 26.21
C LYS A 214 13.96 33.15 25.53
N SER A 215 13.77 32.16 24.66
CA SER A 215 12.47 31.94 24.00
C SER A 215 11.39 31.49 24.99
N VAL A 216 11.76 30.65 25.96
CA VAL A 216 10.84 30.16 26.99
C VAL A 216 10.34 31.32 27.87
N VAL A 217 11.26 32.18 28.31
CA VAL A 217 10.91 33.39 29.09
C VAL A 217 9.91 34.27 28.34
N LYS A 218 10.18 34.49 27.05
CA LYS A 218 9.33 35.31 26.20
C LYS A 218 7.89 34.79 26.10
N LYS A 219 7.75 33.49 25.85
CA LYS A 219 6.43 32.87 25.69
C LYS A 219 5.66 32.74 27.00
N ILE A 220 6.35 32.42 28.10
CA ILE A 220 5.73 32.33 29.43
C ILE A 220 5.29 33.71 29.92
N LYS A 221 6.10 34.74 29.70
CA LYS A 221 5.75 36.12 30.05
C LYS A 221 4.45 36.59 29.37
N ARG A 222 4.27 36.18 28.11
CA ARG A 222 3.06 36.54 27.34
C ARG A 222 1.82 35.71 27.68
N ALA A 223 1.99 34.57 28.36
CA ALA A 223 0.90 33.65 28.68
C ALA A 223 -0.26 34.34 29.42
N VAL A 224 -1.48 34.01 29.02
CA VAL A 224 -2.70 34.61 29.56
C VAL A 224 -2.87 34.21 31.03
N THR A 225 -3.28 35.18 31.86
CA THR A 225 -3.59 34.94 33.26
C THR A 225 -5.03 35.46 33.49
N ASP A 226 -5.26 36.27 34.53
CA ASP A 226 -6.59 36.82 34.81
C ASP A 226 -6.49 38.21 35.42
N SER A 227 -7.64 38.87 35.58
CA SER A 227 -7.71 40.24 36.12
C SER A 227 -8.08 40.33 37.61
N ASP A 228 -7.79 39.28 38.38
CA ASP A 228 -8.07 39.27 39.83
C ASP A 228 -7.25 40.34 40.56
N GLU A 229 -7.90 41.00 41.52
CA GLU A 229 -7.28 42.04 42.34
C GLU A 229 -7.61 41.78 43.82
N PRO A 230 -6.61 41.49 44.67
CA PRO A 230 -5.21 41.34 44.28
C PRO A 230 -4.98 40.11 43.41
N PRO A 231 -3.89 40.10 42.59
CA PRO A 231 -3.56 38.87 41.90
C PRO A 231 -3.26 37.77 42.92
N VAL A 232 -3.83 36.59 42.71
CA VAL A 232 -3.66 35.48 43.64
C VAL A 232 -3.37 34.18 42.88
N VAL A 233 -2.29 33.52 43.27
CA VAL A 233 -1.84 32.28 42.62
C VAL A 233 -2.58 31.12 43.29
N ARG A 234 -3.76 30.80 42.74
CA ARG A 234 -4.59 29.71 43.24
C ARG A 234 -5.15 28.89 42.07
N TYR A 235 -5.36 27.61 42.33
CA TYR A 235 -5.78 26.67 41.32
C TYR A 235 -7.30 26.71 41.14
N ASP A 236 -7.73 27.02 39.92
CA ASP A 236 -9.16 27.16 39.60
C ASP A 236 -9.27 27.15 38.08
N VAL A 237 -9.51 25.97 37.51
CA VAL A 237 -9.53 25.79 36.04
C VAL A 237 -10.66 26.57 35.38
N GLN A 238 -11.81 26.68 36.07
CA GLN A 238 -12.97 27.39 35.55
C GLN A 238 -12.77 28.91 35.49
N ASN A 239 -12.41 29.49 36.63
CA ASN A 239 -12.29 30.96 36.77
C ASN A 239 -10.89 31.53 36.49
N LYS A 240 -9.85 30.70 36.65
CA LYS A 240 -8.45 31.14 36.53
C LYS A 240 -7.65 30.12 35.70
N ALA A 241 -8.10 29.88 34.48
CA ALA A 241 -7.51 28.86 33.60
C ALA A 241 -6.02 29.05 33.31
N GLY A 242 -5.64 30.30 33.02
CA GLY A 242 -4.25 30.63 32.71
C GLY A 242 -3.27 30.41 33.85
N VAL A 243 -3.64 30.91 35.03
CA VAL A 243 -2.83 30.73 36.25
C VAL A 243 -2.78 29.24 36.64
N SER A 244 -3.90 28.54 36.49
CA SER A 244 -3.97 27.10 36.75
C SER A 244 -3.05 26.29 35.84
N ASN A 245 -2.99 26.67 34.57
CA ASN A 245 -2.08 26.04 33.60
C ASN A 245 -0.62 26.23 33.99
N LEU A 246 -0.27 27.43 34.45
CA LEU A 246 1.10 27.72 34.90
C LEU A 246 1.48 26.89 36.12
N LEU A 247 0.53 26.71 37.05
CA LEU A 247 0.71 25.84 38.20
C LEU A 247 0.87 24.37 37.80
N ASP A 248 0.03 23.90 36.88
CA ASP A 248 0.10 22.53 36.36
C ASP A 248 1.44 22.25 35.66
N ILE A 249 1.88 23.18 34.82
CA ILE A 249 3.18 23.06 34.15
C ILE A 249 4.31 22.95 35.18
N LEU A 250 4.33 23.87 36.14
CA LEU A 250 5.35 23.88 37.20
C LEU A 250 5.31 22.61 38.05
N SER A 251 4.11 22.16 38.38
CA SER A 251 3.91 20.91 39.13
C SER A 251 4.48 19.70 38.38
N ALA A 252 4.14 19.61 37.11
CA ALA A 252 4.62 18.52 36.24
C ALA A 252 6.15 18.49 36.12
N VAL A 253 6.78 19.65 36.09
CA VAL A 253 8.25 19.76 36.03
C VAL A 253 8.92 19.34 37.34
N THR A 254 8.52 19.98 38.44
CA THR A 254 9.23 19.84 39.73
C THR A 254 8.75 18.66 40.58
N GLY A 255 7.53 18.20 40.37
CA GLY A 255 6.92 17.18 41.23
C GLY A 255 6.27 17.72 42.49
N GLN A 256 6.30 19.04 42.69
CA GLN A 256 5.67 19.67 43.84
C GLN A 256 4.17 19.67 43.61
N SER A 257 3.40 19.38 44.66
CA SER A 257 1.94 19.37 44.55
C SER A 257 1.39 20.78 44.37
N ILE A 258 0.14 20.85 43.91
CA ILE A 258 -0.54 22.13 43.70
C ILE A 258 -0.68 22.92 45.01
N PRO A 259 -1.25 22.31 46.08
CA PRO A 259 -1.33 23.05 47.36
C PRO A 259 0.01 23.47 47.97
N GLU A 260 1.09 22.75 47.65
CA GLU A 260 2.44 23.16 48.04
C GLU A 260 2.85 24.44 47.30
N LEU A 261 2.61 24.49 45.99
CA LEU A 261 2.92 25.68 45.18
C LEU A 261 2.04 26.87 45.56
N GLU A 262 0.75 26.61 45.79
CA GLU A 262 -0.19 27.64 46.28
C GLU A 262 0.30 28.30 47.58
N LYS A 263 0.86 27.49 48.48
CA LYS A 263 1.48 28.00 49.71
C LYS A 263 2.80 28.72 49.44
N GLN A 264 3.62 28.17 48.54
CA GLN A 264 4.88 28.79 48.12
C GLN A 264 4.69 30.17 47.48
N PHE A 265 3.60 30.34 46.72
CA PHE A 265 3.29 31.62 46.07
C PHE A 265 2.25 32.47 46.84
N GLU A 266 2.14 32.25 48.15
CA GLU A 266 1.25 33.04 49.00
C GLU A 266 1.75 34.48 49.06
N GLY A 267 0.87 35.42 48.71
CA GLY A 267 1.23 36.84 48.63
C GLY A 267 2.12 37.22 47.47
N LYS A 268 2.15 36.39 46.42
CA LYS A 268 2.98 36.62 45.24
C LYS A 268 2.13 36.90 44.01
N MET A 269 2.60 37.87 43.21
CA MET A 269 2.02 38.20 41.91
C MET A 269 2.35 37.16 40.83
N TYR A 270 1.72 37.32 39.66
CA TYR A 270 1.91 36.40 38.53
C TYR A 270 3.29 36.52 37.86
N GLY A 271 3.94 37.67 38.04
CA GLY A 271 5.32 37.88 37.60
C GLY A 271 6.33 36.92 38.22
N HIS A 272 6.15 36.58 39.50
CA HIS A 272 7.05 35.64 40.18
C HIS A 272 6.78 34.21 39.69
N LEU A 273 5.49 33.87 39.55
CA LEU A 273 5.08 32.56 39.05
C LEU A 273 5.69 32.28 37.67
N LYS A 274 5.44 33.20 36.74
CA LYS A 274 5.97 33.12 35.37
C LYS A 274 7.50 32.95 35.34
N GLY A 275 8.19 33.71 36.19
CA GLY A 275 9.64 33.59 36.36
C GLY A 275 10.08 32.20 36.79
N GLU A 276 9.39 31.64 37.79
CA GLU A 276 9.68 30.29 38.29
C GLU A 276 9.30 29.19 37.28
N VAL A 277 8.20 29.39 36.54
CA VAL A 277 7.78 28.46 35.49
C VAL A 277 8.84 28.38 34.38
N ALA A 278 9.23 29.55 33.86
CA ALA A 278 10.25 29.65 32.82
C ALA A 278 11.59 29.01 33.24
N ASP A 279 12.01 29.30 34.47
CA ASP A 279 13.24 28.73 35.04
C ASP A 279 13.18 27.21 35.17
N ALA A 280 12.04 26.70 35.65
CA ALA A 280 11.84 25.26 35.84
C ALA A 280 11.81 24.50 34.51
N VAL A 281 11.02 24.99 33.56
CA VAL A 281 10.91 24.36 32.23
C VAL A 281 12.26 24.33 31.51
N SER A 282 12.97 25.45 31.51
CA SER A 282 14.30 25.53 30.86
C SER A 282 15.36 24.67 31.57
N GLY A 283 15.24 24.53 32.89
CA GLY A 283 16.04 23.55 33.64
C GLY A 283 15.80 22.12 33.19
N MET A 284 14.54 21.80 32.89
CA MET A 284 14.16 20.51 32.32
C MET A 284 14.64 20.34 30.88
N LEU A 285 14.42 21.38 30.06
CA LEU A 285 14.78 21.33 28.63
C LEU A 285 16.28 21.32 28.34
N THR A 286 17.10 21.83 29.26
CA THR A 286 18.56 21.88 29.07
C THR A 286 19.20 20.50 29.12
N GLU A 287 18.83 19.69 30.11
CA GLU A 287 19.30 18.30 30.22
C GLU A 287 18.82 17.43 29.05
N LEU A 288 17.61 17.71 28.58
CA LEU A 288 17.02 17.02 27.43
C LEU A 288 17.73 17.40 26.12
N GLN A 289 17.98 18.69 25.94
CA GLN A 289 18.72 19.21 24.78
C GLN A 289 20.18 18.73 24.73
N GLU A 290 20.83 18.66 25.88
CA GLU A 290 22.20 18.12 25.98
C GLU A 290 22.26 16.70 25.40
N ARG A 291 21.34 15.85 25.85
CA ARG A 291 21.21 14.48 25.35
C ARG A 291 20.87 14.44 23.86
N TYR A 292 19.94 15.30 23.44
CA TYR A 292 19.48 15.37 22.05
C TYR A 292 20.61 15.66 21.06
N HIS A 293 21.30 16.78 21.28
CA HIS A 293 22.38 17.21 20.39
C HIS A 293 23.54 16.20 20.37
N ARG A 294 23.81 15.58 21.53
CA ARG A 294 24.84 14.54 21.63
C ARG A 294 24.49 13.31 20.77
N PHE A 295 23.25 12.85 20.87
CA PHE A 295 22.77 11.73 20.04
C PHE A 295 22.62 12.11 18.57
N ARG A 296 22.05 13.28 18.30
CA ARG A 296 21.73 13.71 16.94
C ARG A 296 22.97 13.91 16.05
N ASN A 297 24.06 14.39 16.64
CA ASN A 297 25.32 14.64 15.90
C ASN A 297 26.19 13.39 15.72
N ASP A 298 25.82 12.29 16.39
CA ASP A 298 26.55 11.01 16.28
C ASP A 298 25.82 10.10 15.27
N GLU A 299 26.22 10.20 14.00
CA GLU A 299 25.58 9.45 12.92
C GLU A 299 25.81 7.93 13.00
N ALA A 300 26.97 7.52 13.49
CA ALA A 300 27.27 6.09 13.70
C ALA A 300 26.34 5.46 14.74
N PHE A 301 26.06 6.21 15.81
CA PHE A 301 25.12 5.77 16.84
C PHE A 301 23.70 5.63 16.29
N LEU A 302 23.22 6.66 15.59
CA LEU A 302 21.88 6.64 15.00
C LEU A 302 21.69 5.52 13.96
N GLN A 303 22.71 5.29 13.14
CA GLN A 303 22.70 4.21 12.14
C GLN A 303 22.59 2.83 12.79
N GLN A 304 23.36 2.62 13.87
CA GLN A 304 23.34 1.35 14.59
C GLN A 304 22.01 1.10 15.29
N VAL A 305 21.42 2.15 15.86
CA VAL A 305 20.09 2.07 16.48
C VAL A 305 19.03 1.69 15.44
N MET A 306 19.07 2.36 14.28
CA MET A 306 18.13 2.06 13.18
C MET A 306 18.29 0.65 12.63
N LYS A 307 19.54 0.21 12.46
CA LYS A 307 19.84 -1.15 11.98
C LYS A 307 19.35 -2.23 12.95
N ASP A 308 19.74 -2.09 14.22
CA ASP A 308 19.32 -3.03 15.28
C ASP A 308 17.81 -3.05 15.45
N GLY A 309 17.19 -1.87 15.44
CA GLY A 309 15.75 -1.73 15.57
C GLY A 309 14.97 -2.40 14.44
N ALA A 310 15.38 -2.10 13.21
CA ALA A 310 14.79 -2.73 12.02
C ALA A 310 14.98 -4.25 12.02
N GLU A 311 16.11 -4.73 12.50
CA GLU A 311 16.39 -6.18 12.59
C GLU A 311 15.43 -6.88 13.57
N LYS A 312 15.21 -6.26 14.73
CA LYS A 312 14.25 -6.77 15.72
C LYS A 312 12.82 -6.75 15.18
N ALA A 313 12.43 -5.59 14.64
CA ALA A 313 11.09 -5.41 14.06
C ALA A 313 10.82 -6.41 12.94
N SER A 314 11.78 -6.57 12.03
CA SER A 314 11.64 -7.49 10.90
C SER A 314 11.47 -8.95 11.33
N ALA A 315 12.16 -9.36 12.38
CA ALA A 315 12.04 -10.71 12.96
C ALA A 315 10.60 -11.04 13.33
N HIS A 316 9.97 -10.13 14.08
CA HIS A 316 8.57 -10.30 14.48
C HIS A 316 7.60 -10.10 13.30
N ALA A 317 7.82 -9.03 12.53
CA ALA A 317 6.95 -8.67 11.39
C ALA A 317 6.84 -9.78 10.35
N SER A 318 7.97 -10.39 10.02
CA SER A 318 8.02 -11.48 9.03
C SER A 318 7.26 -12.73 9.46
N ARG A 319 7.24 -13.03 10.77
CA ARG A 319 6.50 -14.18 11.29
C ARG A 319 4.99 -14.01 11.12
N THR A 320 4.48 -12.81 11.41
CA THR A 320 3.06 -12.50 11.21
C THR A 320 2.69 -12.55 9.73
N LEU A 321 3.47 -11.86 8.89
CA LEU A 321 3.19 -11.80 7.44
C LEU A 321 3.19 -13.18 6.78
N LYS A 322 4.10 -14.05 7.24
CA LYS A 322 4.15 -15.45 6.80
C LYS A 322 2.82 -16.17 7.07
N ALA A 323 2.29 -15.99 8.28
CA ALA A 323 1.00 -16.56 8.68
C ALA A 323 -0.18 -15.94 7.90
N VAL A 324 -0.10 -14.64 7.64
CA VAL A 324 -1.10 -13.93 6.82
C VAL A 324 -1.10 -14.49 5.39
N TYR A 325 0.09 -14.57 4.80
CA TYR A 325 0.28 -15.09 3.44
C TYR A 325 -0.13 -16.56 3.28
N GLU A 326 0.21 -17.38 4.28
CA GLU A 326 -0.25 -18.78 4.33
C GLU A 326 -1.78 -18.89 4.40
N ALA A 327 -2.39 -18.04 5.22
CA ALA A 327 -3.86 -18.02 5.38
C ALA A 327 -4.58 -17.63 4.09
N ILE A 328 -4.11 -16.57 3.45
CA ILE A 328 -4.66 -16.10 2.17
C ILE A 328 -4.51 -17.17 1.07
N GLY A 329 -3.40 -17.90 1.10
CA GLY A 329 -3.12 -18.97 0.15
C GLY A 329 -2.09 -18.66 -0.91
N PHE A 330 -1.27 -17.61 -0.72
CA PHE A 330 -0.18 -17.33 -1.65
C PHE A 330 0.83 -18.46 -1.63
N VAL A 331 1.39 -18.77 -2.80
CA VAL A 331 2.51 -19.71 -2.90
C VAL A 331 3.67 -19.11 -2.12
N ALA A 332 4.25 -19.89 -1.21
CA ALA A 332 5.35 -19.41 -0.37
C ALA A 332 6.59 -19.10 -1.21
N LYS A 333 7.29 -18.03 -0.84
CA LYS A 333 8.50 -17.59 -1.57
C LYS A 333 9.57 -18.67 -1.48
N ARG A 334 10.35 -18.82 -2.56
CA ARG A 334 11.48 -19.76 -2.61
C ARG A 334 12.76 -19.02 -2.20
N HIS A 335 13.19 -19.25 -0.96
CA HIS A 335 14.36 -18.55 -0.39
C HIS A 335 15.65 -19.23 -0.78
N THR B 2 21.99 -2.68 -23.20
CA THR B 2 20.86 -3.58 -22.77
C THR B 2 19.62 -3.35 -23.62
N LYS B 3 18.80 -4.38 -23.72
CA LYS B 3 17.56 -4.33 -24.50
C LYS B 3 16.51 -3.49 -23.79
N PRO B 4 15.52 -2.94 -24.53
CA PRO B 4 14.36 -2.35 -23.86
C PRO B 4 13.59 -3.40 -23.08
N ILE B 5 12.91 -2.98 -22.02
CA ILE B 5 12.28 -3.91 -21.09
C ILE B 5 10.78 -4.05 -21.34
N VAL B 6 10.32 -5.30 -21.38
CA VAL B 6 8.90 -5.65 -21.47
C VAL B 6 8.46 -6.15 -20.09
N PHE B 7 7.32 -5.64 -19.61
CA PHE B 7 6.69 -6.16 -18.40
C PHE B 7 5.19 -6.36 -18.61
N SER B 8 4.68 -7.48 -18.13
CA SER B 8 3.25 -7.71 -18.10
C SER B 8 2.90 -8.78 -17.06
N GLY B 9 1.62 -8.86 -16.72
CA GLY B 9 1.15 -9.78 -15.69
C GLY B 9 -0.25 -10.30 -15.95
N ALA B 10 -0.60 -11.39 -15.26
CA ALA B 10 -1.96 -11.94 -15.32
C ALA B 10 -2.33 -12.52 -13.96
N GLN B 11 -3.60 -12.43 -13.63
CA GLN B 11 -4.10 -12.80 -12.31
C GLN B 11 -4.26 -14.32 -12.19
N PRO B 12 -3.82 -14.92 -11.07
CA PRO B 12 -4.19 -16.31 -10.78
C PRO B 12 -5.58 -16.39 -10.14
N SER B 13 -6.60 -16.08 -10.93
CA SER B 13 -8.00 -16.12 -10.49
C SER B 13 -8.88 -16.38 -11.71
N GLY B 14 -9.97 -17.14 -11.51
CA GLY B 14 -10.74 -17.67 -12.61
C GLY B 14 -9.90 -18.67 -13.40
N GLU B 15 -10.18 -18.79 -14.68
CA GLU B 15 -9.41 -19.67 -15.58
C GLU B 15 -9.15 -18.94 -16.88
N LEU B 16 -7.88 -18.71 -17.19
CA LEU B 16 -7.48 -17.90 -18.35
C LEU B 16 -8.08 -18.42 -19.66
N THR B 17 -8.54 -17.48 -20.49
CA THR B 17 -9.33 -17.78 -21.68
C THR B 17 -8.55 -17.50 -22.95
N ILE B 18 -9.17 -17.80 -24.08
CA ILE B 18 -8.62 -17.46 -25.39
C ILE B 18 -8.46 -15.93 -25.54
N GLY B 19 -9.36 -15.17 -24.90
CA GLY B 19 -9.23 -13.71 -24.82
C GLY B 19 -7.92 -13.27 -24.17
N ASN B 20 -7.65 -13.81 -22.98
CA ASN B 20 -6.39 -13.52 -22.27
C ASN B 20 -5.15 -13.89 -23.11
N TYR B 21 -5.25 -14.98 -23.86
CA TYR B 21 -4.17 -15.41 -24.75
C TYR B 21 -3.92 -14.43 -25.90
N MET B 22 -4.99 -14.11 -26.65
CA MET B 22 -4.88 -13.23 -27.82
C MET B 22 -4.45 -11.81 -27.46
N GLY B 23 -5.08 -11.26 -26.43
CA GLY B 23 -4.79 -9.91 -25.98
C GLY B 23 -3.43 -9.70 -25.33
N ALA B 24 -2.89 -10.75 -24.70
CA ALA B 24 -1.65 -10.65 -23.91
C ALA B 24 -0.62 -11.74 -24.22
N LEU B 25 -0.93 -12.97 -23.84
CA LEU B 25 0.08 -14.06 -23.81
C LEU B 25 0.74 -14.37 -25.16
N ARG B 26 -0.04 -14.31 -26.24
CA ARG B 26 0.50 -14.46 -27.61
C ARG B 26 1.66 -13.48 -27.86
N GLN B 27 1.45 -12.22 -27.47
CA GLN B 27 2.45 -11.16 -27.66
C GLN B 27 3.66 -11.36 -26.75
N TRP B 28 3.40 -11.86 -25.53
CA TRP B 28 4.46 -12.15 -24.56
C TRP B 28 5.50 -13.11 -25.13
N VAL B 29 5.02 -14.18 -25.77
CA VAL B 29 5.87 -15.23 -26.34
C VAL B 29 6.70 -14.69 -27.51
N ASN B 30 6.06 -13.90 -28.38
CA ASN B 30 6.72 -13.34 -29.57
C ASN B 30 7.78 -12.28 -29.27
N MET B 31 7.68 -11.62 -28.12
CA MET B 31 8.59 -10.54 -27.72
C MET B 31 9.89 -10.98 -27.02
N GLN B 32 10.02 -12.26 -26.70
CA GLN B 32 11.07 -12.76 -25.80
C GLN B 32 12.51 -12.57 -26.25
N ASP B 33 12.78 -12.71 -27.55
CA ASP B 33 14.13 -12.48 -28.09
C ASP B 33 14.37 -10.99 -28.34
N ASP B 34 13.38 -10.33 -28.94
CA ASP B 34 13.50 -8.92 -29.33
C ASP B 34 13.70 -7.95 -28.17
N TYR B 35 13.10 -8.25 -27.02
CA TYR B 35 13.18 -7.39 -25.82
C TYR B 35 13.50 -8.23 -24.58
N HIS B 36 13.99 -7.56 -23.54
CA HIS B 36 14.22 -8.18 -22.23
C HIS B 36 12.87 -8.30 -21.50
N CYS B 37 12.35 -9.52 -21.42
CA CYS B 37 10.97 -9.72 -20.99
C CYS B 37 10.83 -10.22 -19.56
N ILE B 38 9.88 -9.63 -18.84
CA ILE B 38 9.59 -9.95 -17.45
C ILE B 38 8.08 -10.19 -17.34
N TYR B 39 7.68 -11.40 -16.95
CA TYR B 39 6.25 -11.75 -16.83
C TYR B 39 5.92 -12.19 -15.41
N CYS B 40 4.75 -11.77 -14.92
CA CYS B 40 4.39 -11.86 -13.51
C CYS B 40 3.05 -12.56 -13.31
N ILE B 41 2.96 -13.42 -12.30
CA ILE B 41 1.68 -13.96 -11.84
C ILE B 41 1.25 -13.05 -10.69
N VAL B 42 0.26 -12.19 -10.96
CA VAL B 42 -0.12 -11.12 -10.01
C VAL B 42 -1.12 -11.58 -8.95
N ASP B 43 -0.63 -12.38 -8.01
CA ASP B 43 -1.46 -12.93 -6.93
C ASP B 43 -1.98 -11.86 -5.95
N GLN B 44 -1.21 -10.79 -5.74
CA GLN B 44 -1.67 -9.67 -4.91
C GLN B 44 -2.85 -8.90 -5.54
N HIS B 45 -2.88 -8.81 -6.87
CA HIS B 45 -4.05 -8.25 -7.59
C HIS B 45 -5.25 -9.20 -7.58
N ALA B 46 -4.98 -10.50 -7.68
CA ALA B 46 -6.04 -11.52 -7.69
C ALA B 46 -6.95 -11.45 -6.46
N ILE B 47 -6.36 -11.21 -5.28
CA ILE B 47 -7.12 -11.16 -4.01
C ILE B 47 -8.01 -9.92 -3.81
N THR B 48 -7.99 -8.96 -4.74
CA THR B 48 -8.97 -7.86 -4.75
C THR B 48 -10.40 -8.36 -4.99
N VAL B 49 -10.52 -9.53 -5.61
CA VAL B 49 -11.74 -10.34 -5.63
C VAL B 49 -11.49 -11.50 -4.66
N ARG B 50 -12.45 -11.76 -3.77
CA ARG B 50 -12.26 -12.75 -2.69
C ARG B 50 -12.04 -14.16 -3.26
N GLN B 51 -10.89 -14.74 -2.94
CA GLN B 51 -10.51 -16.07 -3.39
C GLN B 51 -10.52 -17.08 -2.25
N ASP B 52 -10.89 -18.31 -2.58
CA ASP B 52 -10.63 -19.47 -1.72
C ASP B 52 -9.12 -19.69 -1.66
N ALA B 53 -8.61 -20.02 -0.47
CA ALA B 53 -7.16 -20.14 -0.24
C ALA B 53 -6.52 -21.29 -1.03
N GLN B 54 -7.20 -22.42 -1.10
CA GLN B 54 -6.72 -23.57 -1.88
C GLN B 54 -6.78 -23.28 -3.38
N LYS B 55 -7.86 -22.63 -3.82
CA LYS B 55 -8.03 -22.23 -5.21
C LYS B 55 -6.98 -21.23 -5.69
N LEU B 56 -6.63 -20.27 -4.84
CA LEU B 56 -5.59 -19.28 -5.14
C LEU B 56 -4.21 -19.91 -5.35
N ARG B 57 -3.84 -20.81 -4.44
CA ARG B 57 -2.55 -21.49 -4.50
C ARG B 57 -2.43 -22.35 -5.74
N LYS B 58 -3.45 -23.16 -5.99
CA LYS B 58 -3.53 -24.00 -7.19
C LYS B 58 -3.51 -23.15 -8.47
N ALA B 59 -4.28 -22.07 -8.48
CA ALA B 59 -4.38 -21.18 -9.65
C ALA B 59 -3.08 -20.44 -9.95
N THR B 60 -2.31 -20.11 -8.91
CA THR B 60 -0.98 -19.50 -9.07
C THR B 60 -0.05 -20.43 -9.82
N LEU B 61 -0.03 -21.70 -9.42
CA LEU B 61 0.79 -22.73 -10.06
C LEU B 61 0.24 -23.13 -11.44
N ASP B 62 -1.08 -23.12 -11.59
CA ASP B 62 -1.74 -23.31 -12.90
C ASP B 62 -1.25 -22.26 -13.90
N THR B 63 -1.33 -20.98 -13.49
CA THR B 63 -0.94 -19.84 -14.34
C THR B 63 0.53 -19.88 -14.74
N LEU B 64 1.40 -20.20 -13.78
CA LEU B 64 2.83 -20.38 -14.03
C LEU B 64 3.07 -21.44 -15.10
N ALA B 65 2.44 -22.61 -14.92
CA ALA B 65 2.53 -23.72 -15.87
C ALA B 65 1.97 -23.35 -17.26
N LEU B 66 0.92 -22.53 -17.28
CA LEU B 66 0.34 -22.04 -18.52
C LEU B 66 1.26 -21.10 -19.31
N TYR B 67 1.98 -20.22 -18.61
CA TYR B 67 2.99 -19.38 -19.27
C TYR B 67 4.02 -20.26 -19.98
N LEU B 68 4.53 -21.24 -19.25
CA LEU B 68 5.51 -22.19 -19.78
C LEU B 68 4.98 -22.97 -20.98
N ALA B 69 3.71 -23.37 -20.91
CA ALA B 69 3.03 -24.10 -22.00
C ALA B 69 2.81 -23.24 -23.24
N CYS B 70 2.50 -21.96 -23.04
CA CYS B 70 2.38 -21.01 -24.16
C CYS B 70 3.70 -20.80 -24.92
N GLY B 71 4.83 -21.05 -24.27
CA GLY B 71 6.16 -20.87 -24.84
C GLY B 71 7.05 -19.89 -24.10
N ILE B 72 6.62 -19.38 -22.96
CA ILE B 72 7.43 -18.47 -22.14
C ILE B 72 8.60 -19.28 -21.58
N ASP B 73 9.78 -19.05 -22.14
CA ASP B 73 11.02 -19.72 -21.78
C ASP B 73 11.68 -19.06 -20.56
N PRO B 74 11.90 -19.82 -19.46
CA PRO B 74 12.60 -19.25 -18.29
C PRO B 74 14.09 -18.90 -18.53
N GLU B 75 14.69 -19.46 -19.58
CA GLU B 75 16.06 -19.08 -19.98
C GLU B 75 16.14 -17.72 -20.67
N LYS B 76 15.03 -17.30 -21.29
CA LYS B 76 14.95 -16.01 -22.00
C LYS B 76 14.32 -14.92 -21.13
N SER B 77 13.19 -15.24 -20.51
CA SER B 77 12.39 -14.27 -19.73
C SER B 77 12.47 -14.54 -18.24
N THR B 78 12.22 -13.48 -17.45
CA THR B 78 12.05 -13.59 -16.01
C THR B 78 10.58 -13.89 -15.74
N ILE B 79 10.33 -14.97 -15.00
CA ILE B 79 8.96 -15.38 -14.64
C ILE B 79 8.90 -15.48 -13.12
N PHE B 80 8.00 -14.72 -12.49
CA PHE B 80 7.91 -14.71 -11.03
C PHE B 80 6.50 -14.42 -10.49
N VAL B 81 6.32 -14.74 -9.22
CA VAL B 81 5.09 -14.48 -8.50
C VAL B 81 5.22 -13.13 -7.78
N GLN B 82 4.19 -12.30 -7.91
CA GLN B 82 4.19 -10.92 -7.44
C GLN B 82 4.49 -10.77 -5.94
N SER B 83 3.85 -11.61 -5.12
CA SER B 83 4.02 -11.57 -3.66
C SER B 83 5.42 -11.98 -3.17
N HIS B 84 6.19 -12.66 -4.02
CA HIS B 84 7.58 -13.05 -3.68
C HIS B 84 8.58 -11.88 -3.73
N VAL B 85 8.20 -10.76 -4.34
CA VAL B 85 9.05 -9.57 -4.41
C VAL B 85 8.37 -8.44 -3.62
N PRO B 86 8.82 -8.18 -2.36
CA PRO B 86 8.22 -7.15 -1.50
C PRO B 86 8.15 -5.72 -2.06
N GLU B 87 9.07 -5.40 -2.97
CA GLU B 87 9.16 -4.07 -3.59
C GLU B 87 7.87 -3.60 -4.30
N HIS B 88 7.07 -4.53 -4.80
CA HIS B 88 5.79 -4.21 -5.46
C HIS B 88 4.82 -3.52 -4.50
N ALA B 89 4.66 -4.09 -3.31
CA ALA B 89 3.84 -3.50 -2.25
C ALA B 89 4.45 -2.19 -1.71
N GLN B 90 5.78 -2.16 -1.61
CA GLN B 90 6.50 -0.97 -1.13
C GLN B 90 6.32 0.22 -2.06
N LEU B 91 6.60 0.04 -3.35
CA LEU B 91 6.38 1.10 -4.33
C LEU B 91 4.89 1.35 -4.53
N GLY B 92 4.07 0.31 -4.38
CA GLY B 92 2.62 0.42 -4.36
C GLY B 92 2.09 1.45 -3.37
N TRP B 93 2.62 1.43 -2.15
CA TRP B 93 2.22 2.43 -1.15
C TRP B 93 2.74 3.82 -1.55
N ALA B 94 4.02 3.92 -1.85
CA ALA B 94 4.65 5.20 -2.19
C ALA B 94 3.91 5.94 -3.32
N LEU B 95 3.50 5.19 -4.34
CA LEU B 95 2.78 5.79 -5.49
C LEU B 95 1.32 6.19 -5.20
N ASN B 96 0.72 5.69 -4.11
CA ASN B 96 -0.59 6.22 -3.64
C ASN B 96 -0.51 7.72 -3.37
N CYS B 97 0.62 8.15 -2.81
CA CYS B 97 0.83 9.56 -2.47
C CYS B 97 1.01 10.50 -3.68
N TYR B 98 1.22 9.93 -4.86
CA TYR B 98 1.31 10.69 -6.12
C TYR B 98 0.21 10.29 -7.11
N THR B 99 -0.85 9.68 -6.60
CA THR B 99 -2.04 9.31 -7.37
C THR B 99 -3.22 10.00 -6.74
N TYR B 100 -4.06 10.64 -7.55
CA TYR B 100 -5.25 11.34 -7.05
C TYR B 100 -6.42 10.37 -6.89
N PHE B 101 -7.28 10.68 -5.92
CA PHE B 101 -8.49 9.91 -5.65
C PHE B 101 -9.44 9.89 -6.86
N GLY B 102 -9.60 11.04 -7.51
CA GLY B 102 -10.47 11.17 -8.69
C GLY B 102 -10.06 10.31 -9.88
N GLU B 103 -8.75 10.11 -10.05
CA GLU B 103 -8.22 9.20 -11.06
C GLU B 103 -8.64 7.74 -10.83
N LEU B 104 -8.66 7.31 -9.58
CA LEU B 104 -9.02 5.93 -9.22
C LEU B 104 -10.53 5.69 -9.24
N SER B 105 -11.31 6.65 -8.73
CA SER B 105 -12.78 6.56 -8.74
C SER B 105 -13.39 6.56 -10.14
N ARG B 106 -12.72 7.21 -11.09
CA ARG B 106 -13.17 7.26 -12.49
C ARG B 106 -12.90 5.98 -13.30
N MET B 107 -12.16 5.02 -12.74
CA MET B 107 -11.77 3.81 -13.46
C MET B 107 -12.95 2.91 -13.82
N THR B 108 -13.00 2.51 -15.09
CA THR B 108 -14.02 1.60 -15.64
C THR B 108 -14.00 0.23 -14.95
N GLN B 109 -12.80 -0.31 -14.73
CA GLN B 109 -12.64 -1.63 -14.10
C GLN B 109 -13.12 -1.66 -12.65
N PHE B 110 -12.84 -0.59 -11.91
CA PHE B 110 -13.33 -0.44 -10.53
C PHE B 110 -14.86 -0.40 -10.51
N LYS B 111 -15.46 0.35 -11.42
CA LYS B 111 -16.92 0.47 -11.53
C LYS B 111 -17.59 -0.84 -11.94
N ASP B 112 -17.01 -1.55 -12.91
CA ASP B 112 -17.54 -2.84 -13.37
C ASP B 112 -17.48 -3.92 -12.29
N LYS B 113 -16.33 -4.02 -11.62
CA LYS B 113 -16.12 -4.98 -10.54
C LYS B 113 -16.94 -4.65 -9.28
N SER B 114 -17.15 -3.35 -9.02
CA SER B 114 -17.97 -2.91 -7.88
C SER B 114 -19.45 -3.29 -8.03
N ALA B 115 -19.98 -3.12 -9.23
CA ALA B 115 -21.36 -3.54 -9.55
C ALA B 115 -21.54 -5.06 -9.45
N ARG B 116 -20.50 -5.80 -9.84
CA ARG B 116 -20.53 -7.25 -9.82
C ARG B 116 -20.38 -7.83 -8.41
N TYR B 117 -19.44 -7.28 -7.63
CA TYR B 117 -19.16 -7.73 -6.27
C TYR B 117 -19.54 -6.64 -5.26
N ALA B 118 -20.82 -6.30 -5.23
CA ALA B 118 -21.36 -5.27 -4.32
C ALA B 118 -21.18 -5.62 -2.83
N GLU B 119 -21.09 -6.91 -2.51
CA GLU B 119 -20.83 -7.37 -1.14
C GLU B 119 -19.34 -7.30 -0.72
N ASN B 120 -18.44 -6.96 -1.65
CA ASN B 120 -17.01 -6.82 -1.35
C ASN B 120 -16.37 -5.74 -2.24
N ILE B 121 -16.86 -4.51 -2.10
CA ILE B 121 -16.25 -3.33 -2.72
C ILE B 121 -15.13 -2.88 -1.78
N ASN B 122 -13.97 -3.50 -1.92
CA ASN B 122 -12.85 -3.30 -1.00
C ASN B 122 -11.85 -2.25 -1.48
N ALA B 123 -11.00 -1.80 -0.56
CA ALA B 123 -9.96 -0.81 -0.84
C ALA B 123 -8.90 -1.31 -1.84
N GLY B 124 -8.65 -2.61 -1.86
CA GLY B 124 -7.72 -3.22 -2.82
C GLY B 124 -8.20 -3.07 -4.25
N LEU B 125 -9.50 -3.27 -4.45
CA LEU B 125 -10.16 -3.11 -5.75
C LEU B 125 -10.10 -1.65 -6.23
N PHE B 126 -10.25 -0.71 -5.29
CA PHE B 126 -10.11 0.73 -5.57
C PHE B 126 -8.66 1.10 -5.87
N ASP B 127 -7.75 0.60 -5.05
CA ASP B 127 -6.31 0.91 -5.18
C ASP B 127 -5.59 0.09 -6.25
N TYR B 128 -6.32 -0.82 -6.91
CA TYR B 128 -5.80 -1.68 -7.99
C TYR B 128 -4.82 -1.00 -8.98
N PRO B 129 -5.20 0.17 -9.57
CA PRO B 129 -4.29 0.78 -10.56
C PRO B 129 -2.90 1.20 -10.05
N VAL B 130 -2.81 1.57 -8.77
CA VAL B 130 -1.56 2.08 -8.20
C VAL B 130 -0.53 0.96 -8.04
N LEU B 131 -0.97 -0.19 -7.51
CA LEU B 131 -0.11 -1.37 -7.44
C LEU B 131 0.32 -1.84 -8.83
N MET B 132 -0.60 -1.76 -9.79
CA MET B 132 -0.30 -2.07 -11.20
C MET B 132 0.75 -1.14 -11.77
N ALA B 133 0.64 0.15 -11.47
CA ALA B 133 1.65 1.14 -11.86
C ALA B 133 3.00 0.78 -11.24
N ALA B 134 3.00 0.47 -9.94
CA ALA B 134 4.21 0.02 -9.25
C ALA B 134 4.83 -1.22 -9.89
N ASP B 135 4.01 -2.19 -10.28
CA ASP B 135 4.50 -3.40 -10.98
C ASP B 135 5.31 -3.03 -12.22
N ILE B 136 4.79 -2.10 -13.00
CA ILE B 136 5.40 -1.71 -14.27
C ILE B 136 6.65 -0.87 -14.04
N LEU B 137 6.51 0.16 -13.20
CA LEU B 137 7.57 1.16 -13.02
C LEU B 137 8.82 0.64 -12.29
N LEU B 138 8.65 -0.41 -11.47
CA LEU B 138 9.78 -1.06 -10.78
C LEU B 138 10.92 -1.51 -11.72
N TYR B 139 10.57 -1.96 -12.92
CA TYR B 139 11.54 -2.60 -13.82
C TYR B 139 12.01 -1.72 -14.99
N GLN B 140 11.86 -0.41 -14.88
CA GLN B 140 12.25 0.54 -15.94
C GLN B 140 11.61 0.12 -17.27
N THR B 141 10.32 -0.18 -17.21
CA THR B 141 9.61 -0.82 -18.32
C THR B 141 9.37 0.14 -19.47
N ASN B 142 9.68 -0.32 -20.68
CA ASN B 142 9.46 0.43 -21.91
C ASN B 142 8.12 0.06 -22.56
N LEU B 143 7.85 -1.25 -22.67
CA LEU B 143 6.63 -1.76 -23.31
C LEU B 143 5.80 -2.64 -22.38
N VAL B 144 4.48 -2.51 -22.46
CA VAL B 144 3.55 -3.27 -21.63
C VAL B 144 2.50 -3.92 -22.55
N PRO B 145 2.70 -5.21 -22.91
CA PRO B 145 1.73 -5.90 -23.75
C PRO B 145 0.48 -6.34 -22.98
N VAL B 146 -0.64 -5.69 -23.26
CA VAL B 146 -1.92 -5.99 -22.63
C VAL B 146 -3.07 -5.95 -23.64
N GLY B 147 -4.23 -6.43 -23.20
CA GLY B 147 -5.47 -6.27 -23.96
C GLY B 147 -6.01 -4.86 -23.85
N GLU B 148 -7.00 -4.55 -24.68
CA GLU B 148 -7.62 -3.21 -24.75
C GLU B 148 -8.20 -2.74 -23.42
N ASP B 149 -8.81 -3.67 -22.67
CA ASP B 149 -9.46 -3.35 -21.38
C ASP B 149 -8.52 -2.78 -20.31
N GLN B 150 -7.21 -3.02 -20.45
CA GLN B 150 -6.20 -2.44 -19.55
C GLN B 150 -5.55 -1.14 -20.06
N LYS B 151 -6.11 -0.54 -21.12
CA LYS B 151 -5.60 0.72 -21.67
C LYS B 151 -5.68 1.86 -20.65
N GLN B 152 -6.81 1.96 -19.97
CA GLN B 152 -7.05 3.03 -18.98
C GLN B 152 -6.07 2.93 -17.81
N HIS B 153 -5.86 1.71 -17.30
CA HIS B 153 -4.90 1.46 -16.21
C HIS B 153 -3.48 1.86 -16.58
N LEU B 154 -3.06 1.49 -17.79
CA LEU B 154 -1.73 1.84 -18.27
C LEU B 154 -1.56 3.34 -18.47
N GLU B 155 -2.60 4.02 -18.95
CA GLU B 155 -2.58 5.49 -19.08
C GLU B 155 -2.28 6.20 -17.76
N LEU B 156 -2.85 5.69 -16.66
CA LEU B 156 -2.56 6.23 -15.33
C LEU B 156 -1.10 5.98 -14.91
N SER B 157 -0.57 4.79 -15.20
CA SER B 157 0.85 4.47 -14.94
C SER B 157 1.79 5.47 -15.61
N ARG B 158 1.44 5.86 -16.83
CA ARG B 158 2.20 6.88 -17.58
C ARG B 158 2.12 8.23 -16.89
N ASP B 159 0.91 8.60 -16.46
CA ASP B 159 0.70 9.87 -15.73
C ASP B 159 1.44 9.92 -14.40
N ILE B 160 1.40 8.82 -13.65
CA ILE B 160 2.11 8.72 -12.35
C ILE B 160 3.62 8.83 -12.56
N ALA B 161 4.14 8.11 -13.57
CA ALA B 161 5.56 8.13 -13.90
C ALA B 161 6.05 9.52 -14.27
N GLN B 162 5.31 10.18 -15.15
CA GLN B 162 5.62 11.57 -15.56
C GLN B 162 5.52 12.56 -14.40
N ARG B 163 4.46 12.44 -13.60
CA ARG B 163 4.23 13.28 -12.42
C ARG B 163 5.34 13.13 -11.38
N PHE B 164 5.77 11.89 -11.14
CA PHE B 164 6.87 11.60 -10.23
C PHE B 164 8.20 12.10 -10.79
N ASN B 165 8.46 11.82 -12.07
CA ASN B 165 9.68 12.28 -12.74
C ASN B 165 9.82 13.81 -12.77
N ALA B 166 8.70 14.50 -12.96
CA ALA B 166 8.68 15.96 -12.99
C ALA B 166 9.20 16.58 -11.68
N LEU B 167 8.89 15.94 -10.55
CA LEU B 167 9.33 16.39 -9.23
C LEU B 167 10.77 15.99 -8.90
N TYR B 168 11.16 14.78 -9.26
CA TYR B 168 12.39 14.15 -8.73
C TYR B 168 13.50 13.79 -9.74
N GLY B 169 13.22 13.87 -11.04
CA GLY B 169 14.22 13.54 -12.07
C GLY B 169 13.89 12.26 -12.82
N GLU B 170 14.90 11.69 -13.49
CA GLU B 170 14.68 10.51 -14.35
C GLU B 170 14.70 9.19 -13.56
N ILE B 171 13.71 9.04 -12.68
CA ILE B 171 13.62 7.88 -11.78
C ILE B 171 12.95 6.70 -12.50
N PHE B 172 11.84 6.98 -13.19
CA PHE B 172 11.09 5.96 -13.94
C PHE B 172 11.22 6.15 -15.44
N LYS B 173 11.09 5.05 -16.17
CA LYS B 173 10.80 5.10 -17.60
C LYS B 173 9.29 5.29 -17.76
N VAL B 174 8.88 6.07 -18.76
CA VAL B 174 7.46 6.21 -19.09
C VAL B 174 7.10 5.06 -20.03
N PRO B 175 6.20 4.15 -19.59
CA PRO B 175 5.88 2.96 -20.39
C PRO B 175 4.92 3.24 -21.54
N GLU B 176 4.92 2.37 -22.55
CA GLU B 176 3.99 2.44 -23.68
C GLU B 176 3.15 1.17 -23.79
N PRO B 177 1.87 1.31 -24.21
CA PRO B 177 1.08 0.10 -24.49
C PRO B 177 1.56 -0.65 -25.70
N PHE B 178 1.43 -1.98 -25.66
CA PHE B 178 1.56 -2.82 -26.84
C PHE B 178 0.31 -3.69 -26.96
N ILE B 179 -0.71 -3.11 -27.57
CA ILE B 179 -2.01 -3.74 -27.75
C ILE B 179 -2.07 -4.27 -29.20
N PRO B 180 -2.43 -5.55 -29.38
CA PRO B 180 -2.37 -6.13 -30.72
C PRO B 180 -3.42 -5.58 -31.69
N LYS B 181 -3.16 -5.72 -32.98
CA LYS B 181 -4.07 -5.26 -34.04
C LYS B 181 -5.37 -6.04 -34.01
N SER B 182 -5.25 -7.37 -33.97
CA SER B 182 -6.38 -8.28 -33.82
C SER B 182 -6.35 -8.96 -32.44
N GLY B 183 -7.52 -9.33 -31.95
CA GLY B 183 -7.65 -10.09 -30.71
C GLY B 183 -7.35 -9.33 -29.43
N ALA B 184 -7.41 -8.00 -29.48
CA ALA B 184 -7.16 -7.15 -28.31
C ALA B 184 -8.32 -7.18 -27.31
N ARG B 185 -9.52 -7.48 -27.81
CA ARG B 185 -10.73 -7.56 -26.97
C ARG B 185 -11.67 -8.63 -27.51
N VAL B 186 -11.35 -9.89 -27.22
CA VAL B 186 -12.15 -11.04 -27.65
C VAL B 186 -13.46 -11.02 -26.86
N MET B 187 -14.57 -11.16 -27.58
CA MET B 187 -15.91 -11.01 -27.00
C MET B 187 -16.57 -12.35 -26.66
N SER B 188 -17.58 -12.28 -25.80
CA SER B 188 -18.30 -13.46 -25.32
C SER B 188 -19.14 -14.10 -26.43
N LEU B 189 -19.22 -15.43 -26.41
CA LEU B 189 -19.83 -16.20 -27.49
C LEU B 189 -21.35 -16.11 -27.57
N LEU B 190 -22.03 -16.04 -26.42
CA LEU B 190 -23.49 -15.83 -26.37
C LEU B 190 -23.88 -14.35 -26.13
N GLU B 191 -22.90 -13.48 -25.90
CA GLU B 191 -23.12 -12.03 -25.76
C GLU B 191 -21.96 -11.25 -26.40
N PRO B 192 -21.90 -11.20 -27.75
CA PRO B 192 -20.75 -10.59 -28.43
C PRO B 192 -20.55 -9.08 -28.23
N THR B 193 -21.50 -8.40 -27.60
CA THR B 193 -21.33 -7.01 -27.14
C THR B 193 -20.62 -6.91 -25.78
N LYS B 194 -20.41 -8.03 -25.10
CA LYS B 194 -19.70 -8.11 -23.82
C LYS B 194 -18.35 -8.81 -24.00
N LYS B 195 -17.31 -8.25 -23.37
CA LYS B 195 -15.95 -8.80 -23.37
C LYS B 195 -15.92 -10.20 -22.76
N MET B 196 -15.09 -11.09 -23.33
CA MET B 196 -14.94 -12.45 -22.78
C MET B 196 -14.25 -12.38 -21.42
N SER B 197 -14.92 -12.89 -20.39
CA SER B 197 -14.46 -12.85 -19.01
C SER B 197 -13.83 -14.19 -18.62
N LYS B 198 -12.76 -14.14 -17.84
CA LYS B 198 -12.14 -15.36 -17.29
C LYS B 198 -12.86 -15.90 -16.03
N SER B 199 -13.88 -15.20 -15.55
CA SER B 199 -14.68 -15.66 -14.43
C SER B 199 -16.19 -15.52 -14.73
N ASP B 200 -16.59 -15.89 -15.95
CA ASP B 200 -17.98 -15.76 -16.37
C ASP B 200 -18.86 -16.81 -15.68
N ASP B 201 -20.01 -16.37 -15.16
CA ASP B 201 -21.00 -17.27 -14.57
C ASP B 201 -21.53 -18.28 -15.61
N ASN B 202 -21.75 -17.80 -16.83
CA ASN B 202 -22.13 -18.63 -17.96
C ASN B 202 -20.85 -19.12 -18.66
N ARG B 203 -20.54 -20.40 -18.49
CA ARG B 203 -19.36 -21.02 -19.10
C ARG B 203 -19.40 -21.07 -20.64
N ASN B 204 -20.61 -21.11 -21.21
CA ASN B 204 -20.79 -21.13 -22.68
C ASN B 204 -20.37 -19.84 -23.39
N ASN B 205 -20.23 -18.75 -22.66
CA ASN B 205 -19.62 -17.51 -23.18
C ASN B 205 -18.11 -17.62 -23.46
N VAL B 206 -17.44 -18.55 -22.79
CA VAL B 206 -15.98 -18.56 -22.67
C VAL B 206 -15.33 -19.75 -23.39
N ILE B 207 -14.15 -19.51 -23.97
CA ILE B 207 -13.24 -20.56 -24.41
C ILE B 207 -12.04 -20.58 -23.46
N GLY B 208 -12.05 -21.51 -22.50
CA GLY B 208 -10.94 -21.67 -21.55
C GLY B 208 -9.74 -22.34 -22.18
N LEU B 209 -8.55 -21.89 -21.80
CA LEU B 209 -7.30 -22.44 -22.35
C LEU B 209 -7.00 -23.88 -21.88
N LEU B 210 -7.49 -24.24 -20.69
CA LEU B 210 -7.39 -25.60 -20.16
C LEU B 210 -8.68 -26.42 -20.28
N GLU B 211 -9.63 -25.93 -21.08
CA GLU B 211 -10.91 -26.58 -21.30
C GLU B 211 -10.77 -27.68 -22.34
N ASP B 212 -11.57 -28.74 -22.19
CA ASP B 212 -11.65 -29.85 -23.15
C ASP B 212 -11.95 -29.29 -24.55
N PRO B 213 -11.05 -29.53 -25.55
CA PRO B 213 -11.29 -29.07 -26.92
C PRO B 213 -12.66 -29.41 -27.51
N LYS B 214 -13.15 -30.62 -27.22
CA LYS B 214 -14.48 -31.06 -27.66
C LYS B 214 -15.59 -30.14 -27.17
N SER B 215 -15.50 -29.70 -25.91
CA SER B 215 -16.43 -28.72 -25.34
C SER B 215 -16.32 -27.34 -26.01
N VAL B 216 -15.09 -26.95 -26.37
CA VAL B 216 -14.83 -25.68 -27.05
C VAL B 216 -15.41 -25.65 -28.47
N VAL B 217 -15.27 -26.75 -29.21
CA VAL B 217 -15.85 -26.90 -30.56
C VAL B 217 -17.38 -26.74 -30.53
N LYS B 218 -18.02 -27.36 -29.54
CA LYS B 218 -19.46 -27.24 -29.33
C LYS B 218 -19.90 -25.81 -28.99
N LYS B 219 -19.08 -25.09 -28.23
CA LYS B 219 -19.36 -23.69 -27.88
C LYS B 219 -19.25 -22.74 -29.08
N ILE B 220 -18.27 -22.99 -29.95
CA ILE B 220 -18.10 -22.21 -31.18
C ILE B 220 -19.30 -22.40 -32.12
N LYS B 221 -19.77 -23.65 -32.24
CA LYS B 221 -20.97 -23.97 -33.04
C LYS B 221 -22.23 -23.25 -32.55
N ARG B 222 -22.36 -23.07 -31.23
CA ARG B 222 -23.51 -22.38 -30.62
C ARG B 222 -23.34 -20.86 -30.43
N ALA B 223 -22.18 -20.31 -30.83
CA ALA B 223 -21.95 -18.86 -30.75
C ALA B 223 -22.98 -18.12 -31.60
N VAL B 224 -23.59 -17.08 -31.03
CA VAL B 224 -24.66 -16.36 -31.73
C VAL B 224 -24.07 -15.52 -32.86
N THR B 225 -24.77 -15.48 -33.98
CA THR B 225 -24.36 -14.75 -35.17
C THR B 225 -25.37 -13.63 -35.43
N ASP B 226 -26.19 -13.74 -36.49
CA ASP B 226 -27.14 -12.70 -36.84
C ASP B 226 -28.21 -13.23 -37.81
N SER B 227 -29.20 -12.40 -38.12
CA SER B 227 -30.33 -12.79 -38.96
C SER B 227 -30.18 -12.44 -40.45
N ASP B 228 -28.99 -12.01 -40.87
CA ASP B 228 -28.76 -11.57 -42.26
C ASP B 228 -29.17 -12.64 -43.27
N GLU B 229 -29.89 -12.22 -44.31
CA GLU B 229 -30.38 -13.12 -45.34
C GLU B 229 -30.02 -12.57 -46.73
N PRO B 230 -29.13 -13.22 -47.49
CA PRO B 230 -28.42 -14.43 -47.08
C PRO B 230 -27.38 -14.19 -45.97
N PRO B 231 -26.97 -15.26 -45.25
CA PRO B 231 -25.84 -15.12 -44.33
C PRO B 231 -24.57 -14.75 -45.08
N VAL B 232 -23.85 -13.73 -44.60
CA VAL B 232 -22.62 -13.27 -45.23
C VAL B 232 -21.55 -13.08 -44.16
N VAL B 233 -20.37 -13.64 -44.41
CA VAL B 233 -19.24 -13.53 -43.51
C VAL B 233 -18.54 -12.20 -43.80
N ARG B 234 -18.88 -11.19 -43.00
CA ARG B 234 -18.36 -9.84 -43.17
C ARG B 234 -18.18 -9.15 -41.82
N TYR B 235 -17.14 -8.30 -41.74
CA TYR B 235 -16.80 -7.62 -40.50
C TYR B 235 -17.64 -6.36 -40.32
N ASP B 236 -18.42 -6.33 -39.25
CA ASP B 236 -19.28 -5.20 -38.91
C ASP B 236 -19.65 -5.36 -37.43
N VAL B 237 -18.94 -4.65 -36.56
CA VAL B 237 -19.11 -4.80 -35.10
C VAL B 237 -20.49 -4.37 -34.62
N GLN B 238 -21.04 -3.30 -35.21
CA GLN B 238 -22.36 -2.77 -34.84
C GLN B 238 -23.51 -3.74 -35.15
N ASN B 239 -23.56 -4.21 -36.40
CA ASN B 239 -24.67 -5.05 -36.90
C ASN B 239 -24.40 -6.56 -36.94
N LYS B 240 -23.12 -6.95 -36.92
CA LYS B 240 -22.73 -8.36 -37.00
C LYS B 240 -21.65 -8.68 -35.95
N ALA B 241 -21.96 -8.37 -34.69
CA ALA B 241 -21.00 -8.53 -33.58
C ALA B 241 -20.44 -9.94 -33.41
N GLY B 242 -21.32 -10.93 -33.51
CA GLY B 242 -20.93 -12.33 -33.35
C GLY B 242 -20.05 -12.88 -34.45
N VAL B 243 -20.41 -12.58 -35.70
CA VAL B 243 -19.60 -12.96 -36.88
C VAL B 243 -18.25 -12.23 -36.85
N SER B 244 -18.28 -10.95 -36.53
CA SER B 244 -17.06 -10.14 -36.41
C SER B 244 -16.09 -10.67 -35.35
N ASN B 245 -16.64 -11.09 -34.21
CA ASN B 245 -15.84 -11.69 -33.12
C ASN B 245 -15.21 -13.02 -33.56
N LEU B 246 -15.95 -13.82 -34.32
CA LEU B 246 -15.45 -15.08 -34.87
C LEU B 246 -14.31 -14.85 -35.87
N LEU B 247 -14.48 -13.86 -36.74
CA LEU B 247 -13.43 -13.46 -37.69
C LEU B 247 -12.18 -12.95 -36.97
N ASP B 248 -12.39 -12.17 -35.91
CA ASP B 248 -11.30 -11.66 -35.07
C ASP B 248 -10.49 -12.79 -34.43
N ILE B 249 -11.20 -13.76 -33.86
CA ILE B 249 -10.56 -14.95 -33.28
C ILE B 249 -9.78 -15.75 -34.32
N LEU B 250 -10.37 -15.95 -35.50
CA LEU B 250 -9.71 -16.69 -36.58
C LEU B 250 -8.45 -15.96 -37.07
N SER B 251 -8.56 -14.65 -37.23
CA SER B 251 -7.45 -13.79 -37.65
C SER B 251 -6.26 -13.85 -36.68
N ALA B 252 -6.56 -13.76 -35.38
CA ALA B 252 -5.53 -13.77 -34.33
C ALA B 252 -4.81 -15.12 -34.19
N VAL B 253 -5.55 -16.21 -34.36
CA VAL B 253 -4.99 -17.56 -34.29
C VAL B 253 -4.12 -17.89 -35.51
N THR B 254 -4.62 -17.56 -36.71
CA THR B 254 -3.97 -17.93 -37.97
C THR B 254 -2.95 -16.89 -38.48
N GLY B 255 -3.14 -15.62 -38.10
CA GLY B 255 -2.31 -14.51 -38.60
C GLY B 255 -2.84 -13.85 -39.86
N GLN B 256 -3.97 -14.33 -40.38
CA GLN B 256 -4.55 -13.83 -41.62
C GLN B 256 -5.36 -12.57 -41.30
N SER B 257 -5.31 -11.58 -42.19
CA SER B 257 -6.06 -10.33 -42.01
C SER B 257 -7.56 -10.55 -42.23
N ILE B 258 -8.37 -9.59 -41.76
CA ILE B 258 -9.83 -9.65 -41.91
C ILE B 258 -10.26 -9.60 -43.38
N PRO B 259 -9.70 -8.67 -44.19
CA PRO B 259 -9.96 -8.70 -45.64
C PRO B 259 -9.57 -10.00 -46.34
N GLU B 260 -8.48 -10.62 -45.88
CA GLU B 260 -8.05 -11.93 -46.40
C GLU B 260 -9.07 -13.03 -46.09
N LEU B 261 -9.57 -13.03 -44.85
CA LEU B 261 -10.59 -14.00 -44.43
C LEU B 261 -11.95 -13.72 -45.10
N GLU B 262 -12.34 -12.46 -45.17
CA GLU B 262 -13.57 -12.05 -45.88
C GLU B 262 -13.62 -12.54 -47.32
N LYS B 263 -12.49 -12.38 -48.03
CA LYS B 263 -12.36 -12.91 -49.40
C LYS B 263 -12.44 -14.43 -49.43
N GLN B 264 -11.80 -15.09 -48.47
CA GLN B 264 -11.82 -16.55 -48.35
C GLN B 264 -13.22 -17.14 -48.11
N PHE B 265 -14.07 -16.39 -47.39
CA PHE B 265 -15.44 -16.84 -47.09
C PHE B 265 -16.51 -16.29 -48.04
N GLU B 266 -16.10 -15.70 -49.17
CA GLU B 266 -17.04 -15.29 -50.23
C GLU B 266 -17.79 -16.51 -50.77
N GLY B 267 -19.12 -16.42 -50.83
CA GLY B 267 -19.97 -17.55 -51.24
C GLY B 267 -20.18 -18.60 -50.16
N LYS B 268 -19.65 -18.39 -48.97
CA LYS B 268 -19.82 -19.30 -47.84
C LYS B 268 -20.69 -18.61 -46.79
N MET B 269 -21.13 -19.39 -45.80
CA MET B 269 -22.00 -18.91 -44.74
C MET B 269 -21.36 -19.24 -43.39
N TYR B 270 -22.13 -19.21 -42.30
CA TYR B 270 -21.55 -19.29 -40.95
C TYR B 270 -21.07 -20.69 -40.55
N GLY B 271 -21.53 -21.73 -41.27
CA GLY B 271 -21.03 -23.09 -41.10
C GLY B 271 -19.56 -23.23 -41.44
N HIS B 272 -19.14 -22.65 -42.57
CA HIS B 272 -17.72 -22.60 -42.97
C HIS B 272 -16.88 -21.80 -41.97
N LEU B 273 -17.38 -20.62 -41.60
CA LEU B 273 -16.72 -19.75 -40.63
C LEU B 273 -16.45 -20.49 -39.31
N LYS B 274 -17.51 -21.05 -38.74
CA LYS B 274 -17.43 -21.77 -37.45
C LYS B 274 -16.60 -23.05 -37.51
N GLY B 275 -16.64 -23.74 -38.65
CA GLY B 275 -15.77 -24.89 -38.89
C GLY B 275 -14.29 -24.54 -38.85
N GLU B 276 -13.94 -23.44 -39.52
CA GLU B 276 -12.57 -22.93 -39.52
C GLU B 276 -12.10 -22.44 -38.14
N VAL B 277 -12.97 -21.70 -37.46
CA VAL B 277 -12.69 -21.22 -36.09
C VAL B 277 -12.49 -22.41 -35.14
N ALA B 278 -13.39 -23.39 -35.22
CA ALA B 278 -13.31 -24.60 -34.38
C ALA B 278 -12.01 -25.38 -34.61
N ASP B 279 -11.69 -25.65 -35.88
CA ASP B 279 -10.45 -26.36 -36.25
C ASP B 279 -9.19 -25.65 -35.75
N ALA B 280 -9.12 -24.34 -35.99
CA ALA B 280 -7.96 -23.52 -35.60
C ALA B 280 -7.77 -23.44 -34.08
N VAL B 281 -8.86 -23.22 -33.35
CA VAL B 281 -8.82 -23.10 -31.88
C VAL B 281 -8.60 -24.47 -31.22
N SER B 282 -9.33 -25.50 -31.67
CA SER B 282 -9.19 -26.86 -31.11
C SER B 282 -7.77 -27.41 -31.30
N GLY B 283 -7.17 -27.14 -32.46
CA GLY B 283 -5.78 -27.52 -32.72
C GLY B 283 -4.78 -26.81 -31.82
N MET B 284 -5.03 -25.53 -31.57
CA MET B 284 -4.19 -24.69 -30.70
C MET B 284 -4.21 -25.16 -29.25
N LEU B 285 -5.42 -25.38 -28.72
CA LEU B 285 -5.61 -25.82 -27.33
C LEU B 285 -5.09 -27.24 -27.03
N THR B 286 -5.18 -28.13 -28.02
CA THR B 286 -4.67 -29.51 -27.88
C THR B 286 -3.14 -29.50 -27.65
N GLU B 287 -2.42 -28.78 -28.50
CA GLU B 287 -0.95 -28.64 -28.38
C GLU B 287 -0.55 -27.98 -27.06
N LEU B 288 -1.23 -26.88 -26.73
CA LEU B 288 -0.98 -26.13 -25.51
C LEU B 288 -1.16 -26.98 -24.25
N GLN B 289 -2.29 -27.67 -24.18
CA GLN B 289 -2.61 -28.56 -23.05
C GLN B 289 -1.67 -29.77 -22.94
N GLU B 290 -1.12 -30.21 -24.06
CA GLU B 290 -0.13 -31.30 -24.10
C GLU B 290 1.15 -30.91 -23.36
N ARG B 291 1.68 -29.73 -23.68
CA ARG B 291 2.85 -29.18 -22.98
C ARG B 291 2.55 -28.85 -21.52
N TYR B 292 1.37 -28.29 -21.26
CA TYR B 292 0.94 -27.86 -19.92
C TYR B 292 1.11 -28.90 -18.83
N HIS B 293 0.62 -30.12 -19.07
CA HIS B 293 0.65 -31.18 -18.05
C HIS B 293 2.06 -31.64 -17.68
N ARG B 294 2.98 -31.60 -18.65
CA ARG B 294 4.40 -31.89 -18.39
C ARG B 294 5.01 -30.88 -17.42
N PHE B 295 4.68 -29.61 -17.64
CA PHE B 295 5.12 -28.51 -16.78
C PHE B 295 4.39 -28.50 -15.43
N ARG B 296 3.07 -28.63 -15.47
CA ARG B 296 2.23 -28.47 -14.27
C ARG B 296 2.44 -29.54 -13.20
N ASN B 297 2.72 -30.77 -13.64
CA ASN B 297 2.97 -31.89 -12.72
C ASN B 297 4.45 -32.03 -12.29
N ASP B 298 5.32 -31.12 -12.74
CA ASP B 298 6.73 -31.12 -12.40
C ASP B 298 6.98 -30.01 -11.37
N GLU B 299 6.70 -30.31 -10.09
CA GLU B 299 6.79 -29.32 -9.02
C GLU B 299 8.20 -28.77 -8.81
N ALA B 300 9.21 -29.65 -8.91
CA ALA B 300 10.61 -29.25 -8.79
C ALA B 300 11.00 -28.20 -9.83
N PHE B 301 10.52 -28.36 -11.05
CA PHE B 301 10.75 -27.38 -12.12
C PHE B 301 10.02 -26.07 -11.86
N LEU B 302 8.75 -26.14 -11.47
CA LEU B 302 7.96 -24.94 -11.14
C LEU B 302 8.56 -24.17 -9.95
N GLN B 303 9.06 -24.90 -8.96
CA GLN B 303 9.75 -24.31 -7.81
C GLN B 303 11.04 -23.57 -8.20
N GLN B 304 11.82 -24.19 -9.09
CA GLN B 304 13.07 -23.58 -9.60
C GLN B 304 12.81 -22.31 -10.42
N VAL B 305 11.78 -22.34 -11.27
CA VAL B 305 11.40 -21.17 -12.09
C VAL B 305 11.01 -19.98 -11.19
N MET B 306 10.21 -20.25 -10.16
CA MET B 306 9.80 -19.22 -9.19
C MET B 306 10.99 -18.65 -8.39
N LYS B 307 11.93 -19.52 -8.01
CA LYS B 307 13.14 -19.12 -7.27
C LYS B 307 14.05 -18.24 -8.12
N ASP B 308 14.41 -18.73 -9.30
CA ASP B 308 15.28 -18.01 -10.23
C ASP B 308 14.65 -16.69 -10.69
N GLY B 309 13.38 -16.74 -11.02
CA GLY B 309 12.64 -15.55 -11.47
C GLY B 309 12.52 -14.45 -10.42
N ALA B 310 12.17 -14.84 -9.19
CA ALA B 310 12.08 -13.88 -8.08
C ALA B 310 13.43 -13.23 -7.76
N GLU B 311 14.51 -14.01 -7.89
CA GLU B 311 15.87 -13.50 -7.69
C GLU B 311 16.25 -12.44 -8.73
N LYS B 312 15.97 -12.73 -9.99
CA LYS B 312 16.22 -11.77 -11.09
C LYS B 312 15.41 -10.49 -10.94
N ALA B 313 14.12 -10.66 -10.63
CA ALA B 313 13.21 -9.53 -10.43
C ALA B 313 13.60 -8.66 -9.23
N SER B 314 13.98 -9.30 -8.12
CA SER B 314 14.43 -8.57 -6.92
C SER B 314 15.62 -7.64 -7.18
N ALA B 315 16.53 -8.07 -8.05
CA ALA B 315 17.70 -7.26 -8.40
C ALA B 315 17.32 -5.95 -9.10
N HIS B 316 16.41 -6.04 -10.06
CA HIS B 316 15.88 -4.86 -10.75
C HIS B 316 15.02 -4.00 -9.83
N ALA B 317 14.07 -4.64 -9.14
CA ALA B 317 13.10 -3.96 -8.29
C ALA B 317 13.75 -3.17 -7.15
N SER B 318 14.71 -3.79 -6.46
CA SER B 318 15.42 -3.14 -5.35
C SER B 318 16.21 -1.90 -5.80
N ARG B 319 16.79 -1.97 -7.00
CA ARG B 319 17.52 -0.84 -7.58
C ARG B 319 16.62 0.38 -7.78
N THR B 320 15.43 0.15 -8.36
CA THR B 320 14.44 1.22 -8.57
C THR B 320 13.90 1.76 -7.25
N LEU B 321 13.51 0.88 -6.33
CA LEU B 321 12.98 1.31 -5.03
C LEU B 321 14.01 2.13 -4.23
N LYS B 322 15.27 1.73 -4.29
CA LYS B 322 16.37 2.49 -3.68
C LYS B 322 16.41 3.94 -4.19
N ALA B 323 16.31 4.09 -5.50
CA ALA B 323 16.28 5.42 -6.14
C ALA B 323 15.03 6.23 -5.79
N VAL B 324 13.87 5.56 -5.77
CA VAL B 324 12.60 6.18 -5.37
C VAL B 324 12.67 6.69 -3.92
N TYR B 325 13.13 5.82 -3.02
CA TYR B 325 13.25 6.15 -1.59
C TYR B 325 14.23 7.29 -1.31
N GLU B 326 15.35 7.30 -2.04
CA GLU B 326 16.31 8.41 -1.95
C GLU B 326 15.70 9.74 -2.42
N ALA B 327 14.91 9.68 -3.50
CA ALA B 327 14.31 10.88 -4.10
C ALA B 327 13.23 11.53 -3.21
N ILE B 328 12.33 10.72 -2.67
CA ILE B 328 11.26 11.23 -1.78
C ILE B 328 11.76 11.67 -0.39
N GLY B 329 12.95 11.22 -0.01
CA GLY B 329 13.63 11.69 1.20
C GLY B 329 13.58 10.78 2.40
N PHE B 330 13.46 9.47 2.18
CA PHE B 330 13.55 8.49 3.27
C PHE B 330 15.00 8.30 3.68
N VAL B 331 15.22 8.02 4.96
CA VAL B 331 16.53 7.58 5.44
C VAL B 331 16.77 6.18 4.86
N ALA B 332 17.89 6.01 4.19
CA ALA B 332 18.21 4.74 3.52
C ALA B 332 18.50 3.65 4.53
N LYS B 333 18.03 2.44 4.22
CA LYS B 333 18.22 1.27 5.06
C LYS B 333 19.69 0.84 5.04
N ARG B 334 20.20 0.45 6.21
CA ARG B 334 21.60 0.00 6.34
C ARG B 334 21.80 -1.38 5.74
#